data_1X27
#
_entry.id   1X27
#
_cell.length_a   77.415
_cell.length_b   107.289
_cell.length_c   166.389
_cell.angle_alpha   90.00
_cell.angle_beta   90.00
_cell.angle_gamma   90.00
#
_symmetry.space_group_name_H-M   'P 21 21 21'
#
loop_
_entity.id
_entity.type
_entity.pdbx_description
1 polymer 'Proto-oncogene tyrosine-protein kinase LCK'
2 polymer 'CRK-associated substrate'
3 non-polymer 'SODIUM ION'
4 water water
#
loop_
_entity_poly.entity_id
_entity_poly.type
_entity_poly.pdbx_seq_one_letter_code
_entity_poly.pdbx_strand_id
1 'polypeptide(L)'
;GSHMNLVIALHSYEPSHDGDLGFEKGEQLRILEQSGEWWKAQSLTTGQEGFIPFNFVAKANSLEPEPWFFKNLSRKDAER
QLLAPGNTHGSFLIRESESTAGSFSLSVRDFDQNQGEVVKHYKIRNLDNGGFYISPRITFPGLHELVRHYTNASDGLCTR
LSRPCQT
;
A,B,C,D,E,F
2 'polypeptide(L)' MED(PTR)DYVHL I,J,K,L,M,N
#
loop_
_chem_comp.id
_chem_comp.type
_chem_comp.name
_chem_comp.formula
NA non-polymer 'SODIUM ION' 'Na 1'
#
# COMPACT_ATOMS: atom_id res chain seq x y z
N ASN A 5 30.55 -3.76 4.11
CA ASN A 5 30.15 -2.62 3.22
C ASN A 5 30.68 -2.83 1.80
N LEU A 6 31.16 -4.05 1.54
CA LEU A 6 31.69 -4.41 0.22
C LEU A 6 30.60 -5.11 -0.59
N VAL A 7 30.16 -4.49 -1.69
CA VAL A 7 29.11 -5.09 -2.52
C VAL A 7 29.65 -5.59 -3.85
N ILE A 8 28.83 -6.34 -4.58
CA ILE A 8 29.27 -6.83 -5.88
C ILE A 8 28.15 -6.52 -6.84
N ALA A 9 28.51 -6.06 -8.04
CA ALA A 9 27.55 -5.70 -9.05
C ALA A 9 26.99 -6.90 -9.79
N LEU A 10 25.66 -6.99 -9.79
CA LEU A 10 24.92 -8.06 -10.44
C LEU A 10 24.70 -7.74 -11.92
N HIS A 11 24.79 -6.46 -12.25
CA HIS A 11 24.59 -5.98 -13.60
C HIS A 11 25.56 -4.83 -13.80
N SER A 12 25.68 -4.39 -15.04
CA SER A 12 26.55 -3.28 -15.37
C SER A 12 25.70 -2.02 -15.33
N TYR A 13 26.32 -0.89 -15.05
CA TYR A 13 25.55 0.33 -15.00
C TYR A 13 26.19 1.47 -15.75
N GLU A 14 25.44 2.07 -16.66
CA GLU A 14 25.96 3.18 -17.41
C GLU A 14 25.44 4.44 -16.74
N PRO A 15 26.35 5.37 -16.42
CA PRO A 15 26.01 6.64 -15.79
C PRO A 15 24.88 7.35 -16.56
N SER A 16 23.87 7.81 -15.85
CA SER A 16 22.79 8.52 -16.50
C SER A 16 22.68 9.90 -15.88
N HIS A 17 22.43 9.92 -14.57
CA HIS A 17 22.34 11.18 -13.87
C HIS A 17 23.73 11.66 -13.52
N ASP A 18 24.00 12.93 -13.80
CA ASP A 18 25.28 13.56 -13.50
C ASP A 18 25.57 13.23 -12.05
N GLY A 19 26.66 12.50 -11.80
CA GLY A 19 27.02 12.14 -10.44
C GLY A 19 27.02 10.63 -10.25
N ASP A 20 26.44 9.91 -11.21
CA ASP A 20 26.41 8.47 -11.11
C ASP A 20 27.83 7.92 -11.24
N LEU A 21 28.02 6.75 -10.66
CA LEU A 21 29.28 6.04 -10.70
C LEU A 21 28.98 4.83 -11.55
N GLY A 22 29.52 4.77 -12.75
CA GLY A 22 29.26 3.61 -13.61
C GLY A 22 30.05 2.40 -13.17
N PHE A 23 29.62 1.20 -13.55
CA PHE A 23 30.32 -0.03 -13.16
C PHE A 23 29.92 -1.25 -14.02
N GLU A 24 30.83 -2.23 -14.14
CA GLU A 24 30.54 -3.43 -14.92
C GLU A 24 30.10 -4.56 -14.02
N LYS A 25 29.45 -5.56 -14.62
CA LYS A 25 28.97 -6.71 -13.87
C LYS A 25 30.10 -7.35 -13.08
N GLY A 26 29.76 -7.85 -11.90
CA GLY A 26 30.76 -8.51 -11.07
C GLY A 26 31.80 -7.58 -10.47
N GLU A 27 31.81 -6.32 -10.88
CA GLU A 27 32.78 -5.37 -10.34
C GLU A 27 32.60 -5.20 -8.83
N GLN A 28 33.69 -5.02 -8.12
CA GLN A 28 33.68 -4.85 -6.67
C GLN A 28 33.50 -3.37 -6.34
N LEU A 29 32.70 -3.09 -5.32
CA LEU A 29 32.45 -1.71 -4.90
C LEU A 29 32.36 -1.66 -3.39
N ARG A 30 32.80 -0.56 -2.81
CA ARG A 30 32.70 -0.39 -1.37
C ARG A 30 31.65 0.70 -1.20
N ILE A 31 30.67 0.45 -0.35
CA ILE A 31 29.60 1.41 -0.14
C ILE A 31 29.99 2.43 0.92
N LEU A 32 29.79 3.71 0.61
CA LEU A 32 30.12 4.79 1.53
C LEU A 32 28.91 5.38 2.24
N GLU A 33 27.78 5.47 1.53
CA GLU A 33 26.54 6.04 2.06
C GLU A 33 25.33 5.31 1.53
N GLN A 34 24.31 5.18 2.37
CA GLN A 34 23.07 4.51 1.94
C GLN A 34 21.87 5.46 1.84
N SER A 35 21.90 6.39 0.89
CA SER A 35 20.81 7.35 0.72
C SER A 35 19.57 6.71 0.14
N GLY A 36 19.04 5.73 0.88
CA GLY A 36 17.84 5.04 0.45
C GLY A 36 17.98 4.27 -0.86
N GLU A 37 17.45 4.87 -1.92
CA GLU A 37 17.44 4.31 -3.27
C GLU A 37 18.80 4.33 -3.99
N TRP A 38 19.59 5.38 -3.76
CA TRP A 38 20.91 5.48 -4.36
C TRP A 38 21.94 5.38 -3.25
N TRP A 39 23.03 4.68 -3.53
CA TRP A 39 24.09 4.57 -2.54
C TRP A 39 25.36 5.19 -3.09
N LYS A 40 26.03 5.99 -2.26
CA LYS A 40 27.30 6.61 -2.63
C LYS A 40 28.25 5.46 -2.51
N ALA A 41 29.08 5.22 -3.51
CA ALA A 41 29.99 4.11 -3.39
C ALA A 41 31.29 4.40 -4.08
N GLN A 42 32.24 3.48 -3.95
CA GLN A 42 33.53 3.66 -4.56
C GLN A 42 34.04 2.41 -5.24
N SER A 43 34.50 2.57 -6.47
CA SER A 43 35.03 1.45 -7.24
C SER A 43 36.42 0.94 -6.81
N LEU A 44 36.52 -0.36 -6.55
CA LEU A 44 37.78 -1.01 -6.19
C LEU A 44 38.44 -1.45 -7.49
N THR A 45 38.16 -0.72 -8.57
CA THR A 45 38.74 -1.04 -9.87
C THR A 45 39.25 0.23 -10.55
N THR A 46 38.64 1.36 -10.22
CA THR A 46 39.02 2.64 -10.81
C THR A 46 39.20 3.69 -9.73
N GLY A 47 38.85 3.33 -8.51
CA GLY A 47 38.99 4.26 -7.40
C GLY A 47 38.00 5.42 -7.44
N GLN A 48 37.33 5.59 -8.57
CA GLN A 48 36.36 6.67 -8.74
C GLN A 48 35.08 6.33 -7.99
N GLU A 49 34.45 7.34 -7.38
CA GLU A 49 33.23 7.10 -6.62
C GLU A 49 32.03 7.90 -7.08
N GLY A 50 30.85 7.42 -6.69
CA GLY A 50 29.63 8.09 -7.06
C GLY A 50 28.39 7.35 -6.57
N PHE A 51 27.26 7.65 -7.20
CA PHE A 51 26.01 7.03 -6.82
C PHE A 51 25.67 5.87 -7.71
N ILE A 52 25.17 4.83 -7.06
CA ILE A 52 24.79 3.63 -7.75
C ILE A 52 23.41 3.27 -7.26
N PRO A 53 22.61 2.59 -8.10
CA PRO A 53 21.25 2.15 -7.77
C PRO A 53 21.46 0.91 -6.89
N PHE A 54 20.81 0.85 -5.73
CA PHE A 54 21.09 -0.26 -4.83
C PHE A 54 20.72 -1.70 -5.26
N ASN A 55 19.73 -1.85 -6.11
CA ASN A 55 19.32 -3.16 -6.54
C ASN A 55 20.22 -3.74 -7.63
N PHE A 56 21.31 -3.05 -7.94
CA PHE A 56 22.24 -3.53 -8.97
C PHE A 56 23.44 -4.19 -8.33
N VAL A 57 23.46 -4.24 -7.00
CA VAL A 57 24.56 -4.85 -6.28
C VAL A 57 24.03 -5.64 -5.09
N ALA A 58 24.90 -6.49 -4.55
CA ALA A 58 24.54 -7.32 -3.39
C ALA A 58 25.72 -7.42 -2.43
N LYS A 59 25.43 -7.43 -1.13
CA LYS A 59 26.47 -7.53 -0.11
C LYS A 59 27.32 -8.76 -0.38
N ALA A 60 28.63 -8.53 -0.52
CA ALA A 60 29.58 -9.58 -0.82
C ALA A 60 30.49 -9.88 0.38
N ASN A 61 30.21 -9.25 1.51
CA ASN A 61 30.98 -9.47 2.72
C ASN A 61 30.81 -10.93 3.11
N SER A 62 31.63 -11.38 4.05
CA SER A 62 31.59 -12.76 4.54
C SER A 62 30.30 -13.01 5.31
N LEU A 63 29.90 -14.26 5.40
CA LEU A 63 28.68 -14.62 6.12
C LEU A 63 28.83 -14.75 7.63
N GLU A 64 29.87 -15.44 8.07
CA GLU A 64 30.09 -15.66 9.50
C GLU A 64 29.91 -14.40 10.36
N PRO A 65 30.47 -13.27 9.91
CA PRO A 65 30.35 -12.00 10.66
C PRO A 65 28.89 -11.61 10.92
N GLU A 66 27.96 -12.12 10.12
CA GLU A 66 26.55 -11.79 10.31
C GLU A 66 26.05 -12.26 11.65
N PRO A 67 25.29 -11.41 12.35
CA PRO A 67 24.72 -11.70 13.67
C PRO A 67 23.77 -12.89 13.70
N TRP A 68 23.24 -13.26 12.55
CA TRP A 68 22.26 -14.34 12.47
C TRP A 68 22.74 -15.60 11.78
N PHE A 69 23.98 -15.58 11.27
CA PHE A 69 24.54 -16.73 10.56
C PHE A 69 25.43 -17.62 11.40
N PHE A 70 24.87 -18.71 11.88
CA PHE A 70 25.63 -19.65 12.68
C PHE A 70 25.84 -20.89 11.83
N LYS A 71 26.91 -20.85 11.04
CA LYS A 71 27.25 -21.94 10.13
C LYS A 71 27.06 -23.35 10.69
N ASN A 72 27.97 -23.79 11.56
CA ASN A 72 27.89 -25.14 12.14
C ASN A 72 26.88 -25.26 13.27
N LEU A 73 25.60 -25.34 12.93
CA LEU A 73 24.56 -25.44 13.93
C LEU A 73 23.54 -26.46 13.45
N SER A 74 23.19 -27.41 14.32
CA SER A 74 22.25 -28.46 13.97
C SER A 74 20.78 -28.09 14.11
N ARG A 75 19.96 -28.68 13.25
CA ARG A 75 18.52 -28.44 13.24
C ARG A 75 17.95 -28.48 14.64
N LYS A 76 18.42 -29.42 15.44
CA LYS A 76 17.97 -29.58 16.81
C LYS A 76 18.58 -28.53 17.74
N ASP A 77 19.88 -28.31 17.62
CA ASP A 77 20.57 -27.33 18.45
C ASP A 77 19.99 -25.94 18.27
N ALA A 78 19.51 -25.66 17.07
CA ALA A 78 18.92 -24.37 16.76
C ALA A 78 17.64 -24.25 17.60
N GLU A 79 16.83 -25.30 17.60
CA GLU A 79 15.59 -25.29 18.37
C GLU A 79 15.93 -25.08 19.86
N ARG A 80 17.06 -25.62 20.29
CA ARG A 80 17.47 -25.47 21.69
C ARG A 80 17.91 -24.05 22.01
N GLN A 81 18.64 -23.45 21.07
CA GLN A 81 19.13 -22.09 21.24
C GLN A 81 18.01 -21.04 21.09
N LEU A 82 17.11 -21.27 20.14
CA LEU A 82 16.00 -20.36 19.88
C LEU A 82 15.02 -20.31 21.04
N LEU A 83 14.72 -21.46 21.62
CA LEU A 83 13.79 -21.55 22.72
C LEU A 83 14.45 -21.14 24.06
N ALA A 84 15.76 -20.96 24.03
CA ALA A 84 16.49 -20.55 25.22
C ALA A 84 16.01 -19.14 25.59
N PRO A 85 16.22 -18.74 26.85
CA PRO A 85 15.80 -17.40 27.31
C PRO A 85 16.66 -16.27 26.74
N GLY A 86 16.04 -15.11 26.52
CA GLY A 86 16.77 -14.00 25.96
C GLY A 86 16.37 -13.83 24.51
N ASN A 87 15.45 -14.69 24.08
CA ASN A 87 14.92 -14.69 22.71
C ASN A 87 13.41 -14.82 22.73
N THR A 88 12.75 -14.47 21.63
CA THR A 88 11.29 -14.58 21.57
C THR A 88 10.75 -14.80 20.17
N HIS A 89 9.44 -14.67 20.05
CA HIS A 89 8.75 -14.83 18.77
C HIS A 89 9.41 -13.85 17.83
N GLY A 90 9.90 -14.36 16.72
CA GLY A 90 10.56 -13.49 15.77
C GLY A 90 12.06 -13.68 15.78
N SER A 91 12.58 -14.35 16.79
CA SER A 91 14.01 -14.62 16.88
C SER A 91 14.32 -15.66 15.81
N PHE A 92 15.48 -15.60 15.19
CA PHE A 92 15.77 -16.56 14.14
C PHE A 92 17.27 -16.68 13.88
N LEU A 93 17.60 -17.58 12.96
CA LEU A 93 18.98 -17.79 12.57
C LEU A 93 18.98 -18.63 11.30
N ILE A 94 20.10 -18.63 10.62
CA ILE A 94 20.23 -19.44 9.42
C ILE A 94 21.44 -20.34 9.63
N ARG A 95 21.29 -21.60 9.28
CA ARG A 95 22.37 -22.56 9.45
C ARG A 95 22.64 -23.31 8.17
N GLU A 96 23.83 -23.89 8.07
CA GLU A 96 24.23 -24.69 6.91
C GLU A 96 23.27 -25.88 6.97
N SER A 97 22.52 -26.12 5.90
CA SER A 97 21.55 -27.22 5.88
C SER A 97 22.13 -28.62 6.14
N GLU A 98 21.33 -29.48 6.75
CA GLU A 98 21.77 -30.85 7.03
C GLU A 98 20.82 -31.85 6.39
N SER A 99 20.08 -31.38 5.38
CA SER A 99 19.12 -32.19 4.64
C SER A 99 19.33 -32.00 3.14
N THR A 100 20.31 -31.15 2.80
CA THR A 100 20.60 -30.87 1.40
C THR A 100 21.96 -30.17 1.37
N ALA A 101 22.95 -30.80 0.74
CA ALA A 101 24.28 -30.19 0.66
C ALA A 101 24.20 -28.81 0.02
N GLY A 102 25.21 -27.98 0.26
CA GLY A 102 25.24 -26.64 -0.31
C GLY A 102 23.94 -25.87 -0.11
N SER A 103 23.25 -26.15 1.01
CA SER A 103 22.00 -25.48 1.32
C SER A 103 21.99 -24.84 2.69
N PHE A 104 20.98 -24.03 2.91
CA PHE A 104 20.84 -23.33 4.17
C PHE A 104 19.41 -23.45 4.62
N SER A 105 19.23 -23.34 5.93
CA SER A 105 17.91 -23.42 6.52
C SER A 105 17.66 -22.20 7.41
N LEU A 106 16.39 -21.84 7.49
CA LEU A 106 15.98 -20.70 8.27
C LEU A 106 15.18 -21.18 9.45
N SER A 107 15.67 -20.89 10.65
CA SER A 107 14.92 -21.31 11.81
C SER A 107 14.47 -20.07 12.56
N VAL A 108 13.21 -20.08 12.97
CA VAL A 108 12.63 -18.94 13.65
C VAL A 108 11.64 -19.43 14.71
N ARG A 109 11.57 -18.70 15.83
CA ARG A 109 10.65 -19.05 16.91
C ARG A 109 9.37 -18.25 16.77
N ASP A 110 8.23 -18.95 16.75
CA ASP A 110 6.90 -18.36 16.64
C ASP A 110 6.08 -18.88 17.82
N PHE A 111 4.89 -18.32 18.02
CA PHE A 111 4.06 -18.75 19.13
C PHE A 111 2.81 -19.46 18.64
N ASP A 112 2.59 -20.66 19.16
CA ASP A 112 1.43 -21.45 18.77
C ASP A 112 0.35 -21.46 19.85
N GLN A 113 -0.90 -21.40 19.40
CA GLN A 113 -2.07 -21.40 20.29
C GLN A 113 -2.41 -22.83 20.71
N ASN A 114 -1.45 -23.74 20.58
CA ASN A 114 -1.66 -25.14 20.94
C ASN A 114 -0.45 -25.77 21.63
N GLN A 115 0.67 -25.83 20.92
CA GLN A 115 1.91 -26.40 21.47
C GLN A 115 2.65 -25.39 22.34
N GLY A 116 2.39 -24.11 22.10
CA GLY A 116 3.04 -23.06 22.86
C GLY A 116 4.22 -22.48 22.10
N GLU A 117 5.36 -22.32 22.77
CA GLU A 117 6.54 -21.79 22.11
C GLU A 117 7.01 -22.85 21.11
N VAL A 118 7.04 -22.49 19.84
CA VAL A 118 7.47 -23.45 18.83
C VAL A 118 8.57 -22.84 17.96
N VAL A 119 9.23 -23.69 17.19
CA VAL A 119 10.30 -23.28 16.31
C VAL A 119 10.07 -23.85 14.93
N LYS A 120 10.03 -22.99 13.93
CA LYS A 120 9.81 -23.44 12.57
C LYS A 120 11.10 -23.41 11.77
N HIS A 121 11.18 -24.28 10.77
CA HIS A 121 12.36 -24.36 9.92
C HIS A 121 11.94 -24.21 8.47
N TYR A 122 12.60 -23.32 7.75
CA TYR A 122 12.28 -23.11 6.35
C TYR A 122 13.49 -23.43 5.52
N LYS A 123 13.29 -24.22 4.48
CA LYS A 123 14.37 -24.61 3.60
C LYS A 123 14.68 -23.45 2.66
N ILE A 124 15.94 -23.00 2.65
CA ILE A 124 16.33 -21.90 1.77
C ILE A 124 16.91 -22.49 0.48
N ARG A 125 16.06 -22.59 -0.54
CA ARG A 125 16.46 -23.15 -1.81
C ARG A 125 17.44 -22.27 -2.54
N ASN A 126 18.40 -22.91 -3.20
CA ASN A 126 19.41 -22.22 -3.97
C ASN A 126 18.89 -22.06 -5.38
N LEU A 127 19.26 -20.96 -6.01
CA LEU A 127 18.81 -20.68 -7.36
C LEU A 127 19.86 -21.01 -8.42
N ASP A 128 19.43 -21.02 -9.67
CA ASP A 128 20.30 -21.35 -10.79
C ASP A 128 21.69 -20.75 -10.82
N ASN A 129 21.80 -19.45 -10.59
CA ASN A 129 23.12 -18.81 -10.60
C ASN A 129 23.47 -18.10 -9.31
N GLY A 130 23.58 -18.88 -8.23
CA GLY A 130 23.96 -18.33 -6.94
C GLY A 130 22.88 -17.61 -6.16
N GLY A 131 21.66 -17.60 -6.68
CA GLY A 131 20.59 -16.94 -5.96
C GLY A 131 20.00 -17.81 -4.87
N PHE A 132 19.08 -17.21 -4.13
CA PHE A 132 18.42 -17.89 -3.01
C PHE A 132 16.95 -17.54 -2.94
N TYR A 133 16.17 -18.41 -2.30
CA TYR A 133 14.75 -18.14 -2.12
C TYR A 133 14.07 -19.17 -1.25
N ILE A 134 13.05 -18.73 -0.52
CA ILE A 134 12.27 -19.62 0.32
C ILE A 134 10.93 -19.79 -0.38
N SER A 135 10.52 -18.76 -1.09
CA SER A 135 9.27 -18.76 -1.81
C SER A 135 9.62 -18.36 -3.24
N PRO A 136 9.19 -19.16 -4.22
CA PRO A 136 9.52 -18.76 -5.59
C PRO A 136 8.98 -17.37 -5.89
N ARG A 137 8.01 -16.90 -5.11
CA ARG A 137 7.47 -15.57 -5.36
C ARG A 137 8.54 -14.48 -5.27
N ILE A 138 9.53 -14.68 -4.41
CA ILE A 138 10.59 -13.70 -4.27
C ILE A 138 11.94 -14.37 -4.26
N THR A 139 12.87 -13.87 -5.07
CA THR A 139 14.21 -14.46 -5.07
C THR A 139 15.21 -13.38 -4.71
N PHE A 140 16.37 -13.81 -4.23
CA PHE A 140 17.37 -12.88 -3.81
C PHE A 140 18.72 -13.31 -4.33
N PRO A 141 19.66 -12.36 -4.38
CA PRO A 141 21.01 -12.63 -4.85
C PRO A 141 21.86 -13.21 -3.73
N GLY A 142 21.54 -12.89 -2.49
CA GLY A 142 22.31 -13.43 -1.37
C GLY A 142 21.52 -13.54 -0.08
N LEU A 143 22.03 -14.34 0.85
CA LEU A 143 21.35 -14.51 2.13
C LEU A 143 21.16 -13.17 2.85
N HIS A 144 22.10 -12.24 2.68
CA HIS A 144 22.00 -10.92 3.32
C HIS A 144 20.68 -10.28 2.86
N GLU A 145 20.49 -10.15 1.53
CA GLU A 145 19.26 -9.56 1.00
C GLU A 145 18.01 -10.32 1.46
N LEU A 146 18.10 -11.64 1.52
CA LEU A 146 16.96 -12.43 1.94
C LEU A 146 16.52 -12.01 3.34
N VAL A 147 17.46 -11.97 4.29
CA VAL A 147 17.12 -11.56 5.65
C VAL A 147 16.55 -10.16 5.70
N ARG A 148 17.21 -9.24 5.01
CA ARG A 148 16.76 -7.86 5.01
C ARG A 148 15.29 -7.81 4.61
N HIS A 149 14.95 -8.59 3.60
CA HIS A 149 13.56 -8.60 3.19
C HIS A 149 12.62 -9.05 4.31
N TYR A 150 12.85 -10.26 4.82
CA TYR A 150 11.97 -10.81 5.86
C TYR A 150 12.06 -10.19 7.25
N THR A 151 12.94 -9.22 7.46
CA THR A 151 12.96 -8.59 8.76
C THR A 151 12.05 -7.39 8.68
N ASN A 152 12.00 -6.80 7.49
CA ASN A 152 11.16 -5.63 7.23
C ASN A 152 9.80 -6.03 6.68
N ALA A 153 9.49 -7.31 6.67
CA ALA A 153 8.21 -7.79 6.15
C ALA A 153 8.11 -9.30 6.23
N SER A 154 7.09 -9.79 6.92
CA SER A 154 6.86 -11.22 7.09
C SER A 154 6.03 -11.70 5.89
N ASP A 155 6.56 -11.44 4.71
CA ASP A 155 5.88 -11.79 3.47
C ASP A 155 5.87 -13.29 3.17
N GLY A 156 4.96 -13.99 3.83
CA GLY A 156 4.85 -15.42 3.63
C GLY A 156 4.99 -16.16 4.93
N LEU A 157 5.91 -15.72 5.79
CA LEU A 157 6.09 -16.38 7.06
C LEU A 157 5.04 -15.83 8.02
N CYS A 158 4.35 -16.69 8.76
CA CYS A 158 3.36 -16.20 9.70
C CYS A 158 4.08 -15.58 10.89
N THR A 159 5.33 -15.18 10.67
CA THR A 159 6.15 -14.58 11.72
C THR A 159 7.22 -13.73 11.06
N ARG A 160 7.44 -12.52 11.57
CA ARG A 160 8.43 -11.61 11.00
C ARG A 160 9.80 -11.78 11.69
N LEU A 161 10.89 -11.70 10.94
CA LEU A 161 12.22 -11.87 11.54
C LEU A 161 12.63 -10.63 12.32
N SER A 162 12.36 -10.67 13.62
CA SER A 162 12.62 -9.56 14.52
C SER A 162 14.05 -9.43 14.97
N ARG A 163 14.53 -10.42 15.71
CA ARG A 163 15.90 -10.34 16.22
C ARG A 163 16.63 -11.64 15.98
N PRO A 164 17.93 -11.53 15.69
CA PRO A 164 18.66 -12.76 15.47
C PRO A 164 18.85 -13.46 16.81
N CYS A 165 18.95 -14.78 16.76
CA CYS A 165 19.13 -15.59 17.95
C CYS A 165 20.23 -15.01 18.83
N GLN A 166 19.92 -14.84 20.10
CA GLN A 166 20.86 -14.29 21.08
C GLN A 166 21.42 -15.37 21.99
N THR A 167 22.70 -15.68 21.84
CA THR A 167 23.35 -16.70 22.66
C THR A 167 23.43 -16.30 24.13
N MET B 4 -29.39 14.40 12.28
CA MET B 4 -29.60 12.94 12.04
C MET B 4 -28.79 12.48 10.81
N ASN B 5 -28.21 11.29 10.94
CA ASN B 5 -27.39 10.70 9.89
C ASN B 5 -28.25 9.66 9.19
N LEU B 6 -28.83 10.05 8.07
CA LEU B 6 -29.69 9.15 7.34
C LEU B 6 -28.94 8.44 6.22
N VAL B 7 -29.29 7.18 5.99
CA VAL B 7 -28.68 6.42 4.91
C VAL B 7 -29.76 5.61 4.18
N ILE B 8 -29.48 5.22 2.95
CA ILE B 8 -30.41 4.43 2.17
C ILE B 8 -29.68 3.10 1.94
N ALA B 9 -30.42 2.00 1.97
CA ALA B 9 -29.79 0.72 1.73
C ALA B 9 -29.61 0.58 0.22
N LEU B 10 -28.38 0.34 -0.22
CA LEU B 10 -28.13 0.19 -1.65
C LEU B 10 -28.54 -1.21 -2.07
N HIS B 11 -28.29 -2.16 -1.16
CA HIS B 11 -28.63 -3.54 -1.40
C HIS B 11 -29.32 -4.10 -0.17
N SER B 12 -29.86 -5.29 -0.32
CA SER B 12 -30.50 -5.95 0.80
C SER B 12 -29.41 -6.67 1.56
N TYR B 13 -29.56 -6.74 2.86
CA TYR B 13 -28.57 -7.41 3.69
C TYR B 13 -29.18 -8.41 4.66
N GLU B 14 -28.66 -9.63 4.61
CA GLU B 14 -29.10 -10.68 5.51
C GLU B 14 -28.05 -10.75 6.62
N PRO B 15 -28.48 -10.63 7.88
CA PRO B 15 -27.53 -10.69 9.01
C PRO B 15 -26.60 -11.89 8.90
N SER B 16 -25.30 -11.62 8.92
CA SER B 16 -24.31 -12.70 8.85
C SER B 16 -23.83 -13.06 10.25
N HIS B 17 -23.48 -12.06 11.05
CA HIS B 17 -22.98 -12.31 12.40
C HIS B 17 -23.92 -11.81 13.48
N ASP B 18 -23.78 -12.38 14.68
CA ASP B 18 -24.62 -11.97 15.79
C ASP B 18 -24.44 -10.47 16.01
N GLY B 19 -25.54 -9.76 16.23
CA GLY B 19 -25.45 -8.34 16.44
C GLY B 19 -25.70 -7.59 15.15
N ASP B 20 -25.92 -8.32 14.06
CA ASP B 20 -26.17 -7.69 12.77
C ASP B 20 -27.63 -7.27 12.58
N LEU B 21 -27.83 -6.17 11.86
CA LEU B 21 -29.16 -5.67 11.57
C LEU B 21 -29.51 -5.91 10.10
N GLY B 22 -30.57 -6.68 9.86
CA GLY B 22 -30.99 -6.98 8.49
C GLY B 22 -31.83 -5.88 7.89
N PHE B 23 -31.74 -5.70 6.57
CA PHE B 23 -32.53 -4.67 5.91
C PHE B 23 -32.70 -4.91 4.43
N GLU B 24 -33.66 -4.20 3.82
CA GLU B 24 -33.94 -4.35 2.40
C GLU B 24 -33.52 -3.14 1.59
N LYS B 25 -33.14 -3.41 0.34
CA LYS B 25 -32.74 -2.36 -0.59
C LYS B 25 -33.79 -1.23 -0.59
N GLY B 26 -33.32 0.01 -0.57
CA GLY B 26 -34.23 1.13 -0.58
C GLY B 26 -34.61 1.58 0.81
N GLU B 27 -34.50 0.68 1.77
CA GLU B 27 -34.85 1.00 3.14
C GLU B 27 -34.01 2.11 3.76
N GLN B 28 -34.65 2.96 4.55
CA GLN B 28 -33.96 4.05 5.20
C GLN B 28 -33.52 3.63 6.59
N LEU B 29 -32.37 4.13 7.02
CA LEU B 29 -31.81 3.82 8.34
C LEU B 29 -31.09 5.06 8.86
N ARG B 30 -30.90 5.11 10.18
CA ARG B 30 -30.18 6.21 10.79
C ARG B 30 -28.91 5.59 11.36
N ILE B 31 -27.81 6.34 11.25
CA ILE B 31 -26.54 5.88 11.75
C ILE B 31 -26.30 6.38 13.14
N LEU B 32 -26.09 5.44 14.05
CA LEU B 32 -25.81 5.74 15.45
C LEU B 32 -24.30 5.82 15.71
N GLU B 33 -23.56 4.80 15.27
CA GLU B 33 -22.11 4.74 15.46
C GLU B 33 -21.32 4.29 14.22
N GLN B 34 -20.22 4.99 13.97
CA GLN B 34 -19.31 4.72 12.84
C GLN B 34 -18.12 3.89 13.35
N SER B 35 -18.07 2.61 13.00
CA SER B 35 -16.96 1.79 13.44
C SER B 35 -16.18 1.18 12.28
N GLY B 36 -15.59 2.05 11.48
CA GLY B 36 -14.82 1.58 10.34
C GLY B 36 -15.73 0.98 9.29
N GLU B 37 -15.65 -0.34 9.11
CA GLU B 37 -16.44 -1.04 8.11
C GLU B 37 -17.86 -1.31 8.55
N TRP B 38 -18.05 -1.52 9.84
CA TRP B 38 -19.37 -1.79 10.38
C TRP B 38 -19.90 -0.54 11.06
N TRP B 39 -21.18 -0.30 10.92
CA TRP B 39 -21.80 0.86 11.53
C TRP B 39 -22.96 0.42 12.39
N LYS B 40 -23.25 1.20 13.44
CA LYS B 40 -24.36 0.91 14.33
C LYS B 40 -25.55 1.63 13.73
N ALA B 41 -26.58 0.89 13.34
CA ALA B 41 -27.72 1.56 12.74
C ALA B 41 -29.06 1.19 13.35
N GLN B 42 -30.05 2.04 13.08
CA GLN B 42 -31.41 1.84 13.59
C GLN B 42 -32.35 1.95 12.41
N SER B 43 -33.14 0.91 12.23
CA SER B 43 -34.10 0.89 11.15
C SER B 43 -35.21 1.91 11.44
N LEU B 44 -35.54 2.76 10.48
CA LEU B 44 -36.59 3.74 10.70
C LEU B 44 -37.94 3.06 10.56
N THR B 45 -37.91 1.81 10.12
CA THR B 45 -39.13 1.08 9.94
C THR B 45 -39.56 0.37 11.22
N THR B 46 -38.65 -0.38 11.83
CA THR B 46 -38.96 -1.12 13.04
C THR B 46 -38.27 -0.63 14.30
N GLY B 47 -37.42 0.38 14.18
CA GLY B 47 -36.73 0.89 15.35
C GLY B 47 -35.71 -0.10 15.89
N GLN B 48 -35.48 -1.19 15.16
CA GLN B 48 -34.51 -2.19 15.58
C GLN B 48 -33.09 -1.69 15.30
N GLU B 49 -32.16 -2.05 16.18
CA GLU B 49 -30.77 -1.65 16.02
C GLU B 49 -29.86 -2.83 15.68
N GLY B 50 -28.63 -2.51 15.28
CA GLY B 50 -27.66 -3.53 14.91
C GLY B 50 -26.54 -2.99 14.03
N PHE B 51 -25.58 -3.84 13.69
CA PHE B 51 -24.48 -3.39 12.85
C PHE B 51 -24.72 -3.69 11.38
N ILE B 52 -24.30 -2.75 10.53
CA ILE B 52 -24.49 -2.87 9.09
C ILE B 52 -23.19 -2.60 8.35
N PRO B 53 -22.97 -3.30 7.24
CA PRO B 53 -21.75 -3.12 6.46
C PRO B 53 -21.79 -1.75 5.78
N PHE B 54 -20.89 -0.88 6.20
CA PHE B 54 -20.85 0.47 5.65
C PHE B 54 -20.98 0.61 4.13
N ASN B 55 -20.44 -0.32 3.35
CA ASN B 55 -20.55 -0.12 1.91
C ASN B 55 -21.86 -0.61 1.32
N PHE B 56 -22.82 -0.89 2.17
CA PHE B 56 -24.11 -1.35 1.70
C PHE B 56 -25.12 -0.20 1.73
N VAL B 57 -24.65 0.96 2.16
CA VAL B 57 -25.52 2.12 2.23
C VAL B 57 -24.88 3.37 1.64
N ALA B 58 -25.68 4.42 1.51
CA ALA B 58 -25.20 5.70 0.99
C ALA B 58 -25.91 6.80 1.76
N LYS B 59 -25.20 7.90 1.98
CA LYS B 59 -25.74 9.05 2.71
C LYS B 59 -27.04 9.53 2.10
N ALA B 60 -28.09 9.61 2.91
CA ALA B 60 -29.37 10.05 2.40
C ALA B 60 -29.57 11.54 2.63
N ASN B 61 -28.76 12.14 3.49
CA ASN B 61 -28.86 13.57 3.78
C ASN B 61 -28.83 14.41 2.49
N SER B 62 -29.54 15.53 2.50
CA SER B 62 -29.59 16.43 1.36
C SER B 62 -28.22 17.07 1.13
N LEU B 63 -27.91 17.41 -0.12
CA LEU B 63 -26.62 18.02 -0.44
C LEU B 63 -26.52 19.50 -0.15
N GLU B 64 -27.65 20.17 -0.12
CA GLU B 64 -27.65 21.61 0.12
C GLU B 64 -26.90 22.04 1.38
N PRO B 65 -27.13 21.38 2.52
CA PRO B 65 -26.47 21.72 3.78
C PRO B 65 -24.98 21.40 3.80
N GLU B 66 -24.48 20.74 2.76
CA GLU B 66 -23.05 20.41 2.75
C GLU B 66 -22.17 21.64 2.58
N PRO B 67 -21.07 21.71 3.34
CA PRO B 67 -20.11 22.81 3.33
C PRO B 67 -19.44 23.01 1.99
N TRP B 68 -19.52 21.99 1.14
CA TRP B 68 -18.86 22.05 -0.16
C TRP B 68 -19.79 22.08 -1.35
N PHE B 69 -21.08 22.17 -1.08
CA PHE B 69 -22.05 22.21 -2.16
C PHE B 69 -22.53 23.64 -2.35
N PHE B 70 -22.59 24.06 -3.60
CA PHE B 70 -23.05 25.39 -3.96
C PHE B 70 -23.90 25.25 -5.21
N LYS B 71 -25.19 24.99 -4.99
CA LYS B 71 -26.17 24.77 -6.05
C LYS B 71 -26.11 25.78 -7.18
N ASN B 72 -26.37 27.04 -6.84
CA ASN B 72 -26.35 28.09 -7.84
C ASN B 72 -25.02 28.83 -7.84
N LEU B 73 -24.04 28.22 -8.51
CA LEU B 73 -22.71 28.79 -8.63
C LEU B 73 -22.20 28.51 -10.04
N SER B 74 -21.71 29.54 -10.71
CA SER B 74 -21.22 29.40 -12.10
C SER B 74 -19.75 29.00 -12.13
N ARG B 75 -19.31 28.47 -13.28
CA ARG B 75 -17.93 28.07 -13.44
C ARG B 75 -16.96 29.20 -13.14
N LYS B 76 -17.30 30.41 -13.58
CA LYS B 76 -16.45 31.58 -13.35
C LYS B 76 -16.49 32.03 -11.92
N ASP B 77 -17.65 31.88 -11.28
CA ASP B 77 -17.80 32.27 -9.89
C ASP B 77 -16.94 31.41 -9.01
N ALA B 78 -16.90 30.12 -9.33
CA ALA B 78 -16.11 29.15 -8.57
C ALA B 78 -14.66 29.60 -8.59
N GLU B 79 -14.16 29.90 -9.78
CA GLU B 79 -12.80 30.36 -9.95
C GLU B 79 -12.61 31.62 -9.13
N ARG B 80 -13.58 32.53 -9.22
CA ARG B 80 -13.54 33.79 -8.49
C ARG B 80 -13.37 33.55 -6.99
N GLN B 81 -14.23 32.72 -6.40
CA GLN B 81 -14.15 32.44 -4.97
C GLN B 81 -12.98 31.54 -4.59
N LEU B 82 -12.77 30.47 -5.35
CA LEU B 82 -11.67 29.55 -5.06
C LEU B 82 -10.33 30.27 -5.05
N LEU B 83 -10.13 31.20 -5.98
CA LEU B 83 -8.88 31.94 -6.05
C LEU B 83 -8.80 33.09 -5.05
N ALA B 84 -9.94 33.53 -4.51
CA ALA B 84 -9.91 34.61 -3.54
C ALA B 84 -9.14 34.21 -2.29
N PRO B 85 -8.60 35.19 -1.56
CA PRO B 85 -7.85 34.83 -0.35
C PRO B 85 -8.73 34.10 0.66
N GLY B 86 -8.12 33.40 1.61
CA GLY B 86 -8.89 32.66 2.59
C GLY B 86 -9.02 31.21 2.16
N ASN B 87 -8.48 30.90 0.99
CA ASN B 87 -8.48 29.55 0.43
C ASN B 87 -7.04 29.28 0.00
N THR B 88 -6.72 28.03 -0.23
CA THR B 88 -5.37 27.67 -0.63
C THR B 88 -5.45 26.42 -1.48
N HIS B 89 -4.30 25.89 -1.88
CA HIS B 89 -4.32 24.68 -2.68
C HIS B 89 -5.01 23.61 -1.87
N GLY B 90 -6.03 22.99 -2.47
CA GLY B 90 -6.77 21.97 -1.77
C GLY B 90 -8.23 22.35 -1.62
N SER B 91 -8.51 23.66 -1.74
CA SER B 91 -9.85 24.13 -1.59
C SER B 91 -10.71 23.71 -2.78
N PHE B 92 -11.92 23.26 -2.49
CA PHE B 92 -12.80 22.75 -3.55
C PHE B 92 -14.27 23.03 -3.29
N LEU B 93 -15.10 22.74 -4.29
CA LEU B 93 -16.54 22.90 -4.15
C LEU B 93 -17.22 22.07 -5.21
N ILE B 94 -18.49 21.79 -4.98
CA ILE B 94 -19.27 21.06 -5.96
C ILE B 94 -20.42 21.98 -6.37
N ARG B 95 -20.64 22.07 -7.66
CA ARG B 95 -21.70 22.91 -8.21
C ARG B 95 -22.41 22.17 -9.33
N GLU B 96 -23.58 22.69 -9.72
CA GLU B 96 -24.35 22.10 -10.81
C GLU B 96 -23.59 22.34 -12.10
N SER B 97 -23.57 21.38 -12.99
CA SER B 97 -22.83 21.58 -14.24
C SER B 97 -23.51 22.61 -15.13
N GLU B 98 -22.68 23.46 -15.77
CA GLU B 98 -23.17 24.51 -16.66
C GLU B 98 -23.38 24.00 -18.07
N SER B 99 -22.43 23.16 -18.52
CA SER B 99 -22.48 22.59 -19.86
C SER B 99 -23.46 21.42 -19.95
N THR B 100 -23.94 20.96 -18.79
CA THR B 100 -24.88 19.86 -18.77
C THR B 100 -25.79 19.97 -17.56
N ALA B 101 -27.07 19.64 -17.74
CA ALA B 101 -28.03 19.71 -16.64
C ALA B 101 -28.10 18.36 -15.95
N GLY B 102 -28.70 18.33 -14.75
CA GLY B 102 -28.80 17.08 -14.02
C GLY B 102 -27.44 16.58 -13.56
N SER B 103 -26.38 17.28 -13.97
CA SER B 103 -25.02 16.93 -13.60
C SER B 103 -24.40 17.97 -12.69
N PHE B 104 -23.21 17.65 -12.20
CA PHE B 104 -22.48 18.50 -11.27
C PHE B 104 -21.02 18.57 -11.69
N SER B 105 -20.34 19.62 -11.24
CA SER B 105 -18.94 19.78 -11.58
C SER B 105 -18.13 19.98 -10.33
N LEU B 106 -16.91 19.43 -10.34
CA LEU B 106 -16.01 19.57 -9.21
C LEU B 106 -15.01 20.66 -9.52
N SER B 107 -14.87 21.62 -8.62
CA SER B 107 -13.92 22.70 -8.82
C SER B 107 -13.00 22.69 -7.63
N VAL B 108 -11.71 22.76 -7.89
CA VAL B 108 -10.73 22.72 -6.83
C VAL B 108 -9.52 23.57 -7.15
N ARG B 109 -8.98 24.25 -6.15
CA ARG B 109 -7.80 25.08 -6.34
C ARG B 109 -6.54 24.23 -6.16
N ASP B 110 -5.63 24.34 -7.12
CA ASP B 110 -4.38 23.59 -7.08
C ASP B 110 -3.20 24.51 -7.37
N PHE B 111 -1.99 24.02 -7.12
CA PHE B 111 -0.81 24.81 -7.36
C PHE B 111 -0.13 24.34 -8.63
N ASP B 112 0.92 25.02 -9.02
CA ASP B 112 1.65 24.65 -10.22
C ASP B 112 2.97 25.41 -10.21
N GLN B 113 4.02 24.80 -10.77
CA GLN B 113 5.33 25.47 -10.79
C GLN B 113 5.28 26.63 -11.79
N ASN B 114 4.59 26.42 -12.91
CA ASN B 114 4.45 27.44 -13.94
C ASN B 114 3.64 28.61 -13.37
N GLN B 115 2.32 28.46 -13.42
CA GLN B 115 1.39 29.46 -12.90
C GLN B 115 1.05 29.07 -11.47
N GLY B 116 0.89 30.05 -10.58
CA GLY B 116 0.58 29.74 -9.19
C GLY B 116 -0.72 28.98 -9.02
N GLU B 117 -1.47 29.38 -7.99
CA GLU B 117 -2.74 28.76 -7.69
C GLU B 117 -3.58 28.73 -8.98
N VAL B 118 -4.23 27.60 -9.27
CA VAL B 118 -5.07 27.49 -10.46
C VAL B 118 -6.38 26.80 -10.08
N VAL B 119 -7.31 26.75 -11.01
CA VAL B 119 -8.59 26.12 -10.73
C VAL B 119 -8.96 25.11 -11.78
N LYS B 120 -8.90 23.84 -11.38
CA LYS B 120 -9.23 22.73 -12.27
C LYS B 120 -10.73 22.47 -12.14
N HIS B 121 -11.35 22.03 -13.21
CA HIS B 121 -12.78 21.72 -13.18
C HIS B 121 -12.95 20.30 -13.66
N TYR B 122 -13.62 19.47 -12.87
CA TYR B 122 -13.84 18.11 -13.29
C TYR B 122 -15.33 17.88 -13.41
N LYS B 123 -15.74 17.26 -14.51
CA LYS B 123 -17.14 17.00 -14.72
C LYS B 123 -17.55 15.74 -14.00
N ILE B 124 -18.54 15.84 -13.12
CA ILE B 124 -18.98 14.64 -12.44
C ILE B 124 -20.06 14.04 -13.33
N ARG B 125 -19.65 12.99 -14.03
CA ARG B 125 -20.50 12.27 -14.95
C ARG B 125 -21.53 11.46 -14.18
N ASN B 126 -22.74 11.38 -14.71
CA ASN B 126 -23.80 10.62 -14.05
C ASN B 126 -23.76 9.14 -14.45
N LEU B 127 -24.41 8.30 -13.66
CA LEU B 127 -24.44 6.88 -13.94
C LEU B 127 -25.88 6.41 -14.07
N ASP B 128 -26.08 5.34 -14.84
CA ASP B 128 -27.43 4.81 -15.05
C ASP B 128 -28.23 4.66 -13.77
N ASN B 129 -27.73 3.85 -12.85
CA ASN B 129 -28.42 3.63 -11.59
C ASN B 129 -28.46 4.91 -10.73
N GLY B 130 -28.07 6.04 -11.31
CA GLY B 130 -28.07 7.29 -10.56
C GLY B 130 -26.72 7.63 -9.96
N GLY B 131 -25.79 6.67 -9.98
CA GLY B 131 -24.46 6.89 -9.43
C GLY B 131 -23.70 8.06 -10.04
N PHE B 132 -22.48 8.29 -9.53
CA PHE B 132 -21.63 9.38 -10.02
C PHE B 132 -20.22 8.87 -10.13
N TYR B 133 -19.39 9.64 -10.82
CA TYR B 133 -17.99 9.29 -10.96
C TYR B 133 -17.31 10.36 -11.79
N ILE B 134 -16.02 10.55 -11.52
CA ILE B 134 -15.21 11.51 -12.23
C ILE B 134 -14.33 10.69 -13.16
N SER B 135 -13.91 9.54 -12.68
CA SER B 135 -13.08 8.64 -13.46
C SER B 135 -13.72 7.28 -13.45
N PRO B 136 -13.80 6.65 -14.62
CA PRO B 136 -14.42 5.33 -14.62
C PRO B 136 -13.72 4.36 -13.68
N ARG B 137 -12.51 4.68 -13.24
CA ARG B 137 -11.80 3.80 -12.30
C ARG B 137 -12.55 3.61 -11.00
N ILE B 138 -13.24 4.65 -10.55
CA ILE B 138 -14.00 4.57 -9.32
C ILE B 138 -15.37 5.20 -9.43
N THR B 139 -16.40 4.43 -9.11
CA THR B 139 -17.75 4.95 -9.16
C THR B 139 -18.26 5.15 -7.75
N PHE B 140 -19.31 5.96 -7.63
CA PHE B 140 -19.90 6.25 -6.35
C PHE B 140 -21.42 6.26 -6.40
N PRO B 141 -22.05 5.89 -5.29
CA PRO B 141 -23.51 5.87 -5.21
C PRO B 141 -24.04 7.28 -5.06
N GLY B 142 -23.25 8.15 -4.43
CA GLY B 142 -23.67 9.53 -4.25
C GLY B 142 -22.53 10.51 -4.15
N LEU B 143 -22.80 11.78 -4.40
CA LEU B 143 -21.77 12.80 -4.33
C LEU B 143 -21.08 12.86 -2.97
N HIS B 144 -21.78 12.45 -1.91
CA HIS B 144 -21.19 12.45 -0.58
C HIS B 144 -19.97 11.54 -0.56
N GLU B 145 -20.20 10.29 -0.95
CA GLU B 145 -19.17 9.25 -1.01
C GLU B 145 -17.99 9.69 -1.88
N LEU B 146 -18.30 10.30 -3.02
CA LEU B 146 -17.27 10.77 -3.94
C LEU B 146 -16.36 11.76 -3.24
N VAL B 147 -16.95 12.72 -2.53
CA VAL B 147 -16.16 13.71 -1.82
C VAL B 147 -15.33 13.04 -0.74
N ARG B 148 -15.92 12.09 -0.01
CA ARG B 148 -15.18 11.38 1.04
C ARG B 148 -13.94 10.72 0.46
N HIS B 149 -14.13 10.02 -0.65
CA HIS B 149 -13.02 9.33 -1.31
C HIS B 149 -11.87 10.26 -1.66
N TYR B 150 -12.16 11.32 -2.40
CA TYR B 150 -11.11 12.23 -2.81
C TYR B 150 -10.60 13.18 -1.75
N THR B 151 -11.16 13.11 -0.55
CA THR B 151 -10.64 13.97 0.52
C THR B 151 -9.56 13.19 1.25
N ASN B 152 -9.49 11.88 1.04
CA ASN B 152 -8.49 11.05 1.68
C ASN B 152 -7.53 10.44 0.66
N ALA B 153 -7.78 10.69 -0.61
CA ALA B 153 -6.94 10.16 -1.68
C ALA B 153 -7.22 10.98 -2.93
N SER B 154 -6.19 11.20 -3.74
CA SER B 154 -6.38 11.99 -4.94
C SER B 154 -6.31 11.19 -6.22
N ASP B 155 -6.18 9.87 -6.12
CA ASP B 155 -6.05 9.03 -7.31
C ASP B 155 -6.81 9.52 -8.54
N GLY B 156 -6.11 10.31 -9.34
CA GLY B 156 -6.69 10.84 -10.56
C GLY B 156 -6.59 12.35 -10.61
N LEU B 157 -6.60 12.96 -9.44
CA LEU B 157 -6.53 14.41 -9.34
C LEU B 157 -5.15 14.91 -8.97
N CYS B 158 -4.89 16.17 -9.29
CA CYS B 158 -3.60 16.77 -8.97
C CYS B 158 -3.49 16.82 -7.45
N THR B 159 -4.56 17.26 -6.79
CA THR B 159 -4.57 17.39 -5.34
C THR B 159 -5.78 16.71 -4.66
N ARG B 160 -5.75 16.67 -3.34
CA ARG B 160 -6.82 16.08 -2.54
C ARG B 160 -7.82 17.19 -2.20
N LEU B 161 -9.09 16.81 -2.00
CA LEU B 161 -10.09 17.79 -1.66
C LEU B 161 -9.85 18.13 -0.18
N SER B 162 -8.90 19.05 0.04
CA SER B 162 -8.47 19.47 1.38
C SER B 162 -9.51 20.19 2.22
N ARG B 163 -10.24 21.12 1.61
CA ARG B 163 -11.22 21.89 2.39
C ARG B 163 -12.23 22.64 1.55
N PRO B 164 -13.48 22.67 2.02
CA PRO B 164 -14.55 23.37 1.31
C PRO B 164 -14.24 24.85 1.18
N CYS B 165 -14.58 25.40 0.03
CA CYS B 165 -14.37 26.81 -0.29
C CYS B 165 -14.92 27.72 0.79
N GLN B 166 -14.23 28.81 1.06
CA GLN B 166 -14.70 29.73 2.08
C GLN B 166 -15.09 31.09 1.47
N THR B 167 -16.04 31.76 2.12
CA THR B 167 -16.49 33.07 1.68
C THR B 167 -15.64 34.12 2.38
N MET C 4 -10.85 -13.65 -21.14
CA MET C 4 -11.94 -12.64 -21.36
C MET C 4 -12.26 -12.54 -22.84
N ASN C 5 -13.44 -13.01 -23.23
CA ASN C 5 -13.83 -12.97 -24.62
C ASN C 5 -15.03 -12.05 -24.83
N LEU C 6 -15.99 -12.09 -23.91
CA LEU C 6 -17.19 -11.28 -24.04
C LEU C 6 -17.62 -10.70 -22.69
N VAL C 7 -18.05 -9.45 -22.69
CA VAL C 7 -18.47 -8.82 -21.46
C VAL C 7 -19.80 -8.11 -21.63
N ILE C 8 -20.43 -7.76 -20.51
CA ILE C 8 -21.71 -7.04 -20.55
C ILE C 8 -21.50 -5.74 -19.78
N ALA C 9 -21.79 -4.62 -20.44
CA ALA C 9 -21.64 -3.31 -19.82
C ALA C 9 -22.53 -3.20 -18.59
N LEU C 10 -21.92 -2.96 -17.44
CA LEU C 10 -22.63 -2.81 -16.17
C LEU C 10 -23.23 -1.40 -16.10
N HIS C 11 -22.69 -0.52 -16.92
CA HIS C 11 -23.14 0.87 -16.96
C HIS C 11 -23.00 1.41 -18.38
N SER C 12 -23.58 2.58 -18.62
CA SER C 12 -23.50 3.21 -19.92
C SER C 12 -22.29 4.13 -19.88
N TYR C 13 -21.50 4.09 -20.95
CA TYR C 13 -20.32 4.92 -21.00
C TYR C 13 -20.29 5.75 -22.26
N GLU C 14 -19.99 7.04 -22.09
CA GLU C 14 -19.90 8.02 -23.18
C GLU C 14 -18.45 8.31 -23.48
N PRO C 15 -18.08 8.32 -24.78
CA PRO C 15 -16.71 8.58 -25.18
C PRO C 15 -16.20 9.89 -24.55
N SER C 16 -15.15 9.78 -23.74
CA SER C 16 -14.59 10.95 -23.10
C SER C 16 -13.19 11.22 -23.63
N HIS C 17 -12.59 10.19 -24.22
CA HIS C 17 -11.26 10.36 -24.78
C HIS C 17 -11.30 9.92 -26.24
N ASP C 18 -10.43 10.54 -27.03
CA ASP C 18 -10.34 10.23 -28.44
C ASP C 18 -9.84 8.79 -28.57
N GLY C 19 -10.73 7.90 -29.00
CA GLY C 19 -10.37 6.50 -29.16
C GLY C 19 -11.23 5.57 -28.33
N ASP C 20 -12.08 6.17 -27.50
CA ASP C 20 -12.98 5.44 -26.62
C ASP C 20 -14.20 4.89 -27.37
N LEU C 21 -14.72 3.79 -26.87
CA LEU C 21 -15.89 3.16 -27.45
C LEU C 21 -17.07 3.33 -26.49
N GLY C 22 -18.06 4.12 -26.90
CA GLY C 22 -19.23 4.32 -26.04
C GLY C 22 -20.10 3.07 -26.02
N PHE C 23 -20.95 2.94 -25.01
CA PHE C 23 -21.84 1.77 -24.92
C PHE C 23 -22.87 1.95 -23.82
N GLU C 24 -24.04 1.36 -24.00
CA GLU C 24 -25.11 1.47 -23.02
C GLU C 24 -25.13 0.27 -22.12
N LYS C 25 -25.63 0.44 -20.90
CA LYS C 25 -25.71 -0.65 -19.95
C LYS C 25 -26.38 -1.89 -20.56
N GLY C 26 -25.90 -3.07 -20.20
CA GLY C 26 -26.47 -4.30 -20.74
C GLY C 26 -25.90 -4.70 -22.09
N GLU C 27 -25.39 -3.73 -22.86
CA GLU C 27 -24.82 -4.02 -24.18
C GLU C 27 -23.78 -5.13 -24.07
N GLN C 28 -23.62 -5.90 -25.15
CA GLN C 28 -22.66 -6.98 -25.15
C GLN C 28 -21.44 -6.56 -25.95
N LEU C 29 -20.27 -6.71 -25.34
CA LEU C 29 -19.01 -6.33 -25.97
C LEU C 29 -18.02 -7.49 -26.04
N ARG C 30 -17.16 -7.46 -27.04
CA ARG C 30 -16.16 -8.49 -27.21
C ARG C 30 -14.78 -7.88 -26.98
N ILE C 31 -14.00 -8.49 -26.09
CA ILE C 31 -12.67 -7.99 -25.78
C ILE C 31 -11.63 -8.40 -26.81
N LEU C 32 -10.95 -7.42 -27.39
CA LEU C 32 -9.92 -7.69 -28.39
C LEU C 32 -8.54 -7.75 -27.72
N GLU C 33 -8.25 -6.75 -26.90
CA GLU C 33 -6.97 -6.65 -26.20
C GLU C 33 -7.09 -5.95 -24.85
N GLN C 34 -6.45 -6.54 -23.83
CA GLN C 34 -6.50 -5.95 -22.50
C GLN C 34 -5.28 -5.08 -22.23
N SER C 35 -5.52 -3.81 -21.92
CA SER C 35 -4.44 -2.86 -21.63
C SER C 35 -4.50 -2.34 -20.21
N GLY C 36 -4.64 -3.26 -19.24
CA GLY C 36 -4.73 -2.83 -17.86
C GLY C 36 -6.08 -2.28 -17.48
N GLU C 37 -6.26 -0.96 -17.55
CA GLU C 37 -7.54 -0.34 -17.19
C GLU C 37 -8.38 0.03 -18.40
N TRP C 38 -7.75 0.09 -19.57
CA TRP C 38 -8.48 0.42 -20.78
C TRP C 38 -8.37 -0.76 -21.72
N TRP C 39 -9.47 -1.48 -21.91
CA TRP C 39 -9.46 -2.63 -22.80
C TRP C 39 -9.99 -2.23 -24.19
N LYS C 40 -9.45 -2.86 -25.22
CA LYS C 40 -9.89 -2.62 -26.59
C LYS C 40 -11.09 -3.50 -26.85
N ALA C 41 -12.24 -2.91 -27.09
CA ALA C 41 -13.44 -3.71 -27.29
C ALA C 41 -14.15 -3.58 -28.65
N GLN C 42 -15.00 -4.55 -28.91
CA GLN C 42 -15.80 -4.60 -30.13
C GLN C 42 -17.27 -4.84 -29.81
N SER C 43 -18.10 -3.84 -30.06
CA SER C 43 -19.54 -3.94 -29.80
C SER C 43 -20.21 -4.94 -30.72
N LEU C 44 -20.83 -5.98 -30.15
CA LEU C 44 -21.52 -6.97 -30.95
C LEU C 44 -22.65 -6.28 -31.69
N THR C 45 -23.21 -5.26 -31.06
CA THR C 45 -24.30 -4.48 -31.65
C THR C 45 -23.80 -3.65 -32.83
N THR C 46 -23.18 -2.52 -32.52
CA THR C 46 -22.67 -1.62 -33.55
C THR C 46 -21.55 -2.25 -34.38
N GLY C 47 -20.54 -2.78 -33.71
CA GLY C 47 -19.42 -3.40 -34.40
C GLY C 47 -18.25 -2.43 -34.55
N GLN C 48 -18.26 -1.37 -33.75
CA GLN C 48 -17.20 -0.38 -33.79
C GLN C 48 -16.16 -0.68 -32.72
N GLU C 49 -14.89 -0.75 -33.12
CA GLU C 49 -13.79 -1.02 -32.21
C GLU C 49 -13.52 0.23 -31.36
N GLY C 50 -13.04 0.01 -30.13
CA GLY C 50 -12.74 1.13 -29.26
C GLY C 50 -12.19 0.75 -27.90
N PHE C 51 -11.79 1.75 -27.12
CA PHE C 51 -11.24 1.49 -25.80
C PHE C 51 -12.28 1.69 -24.72
N ILE C 52 -12.36 0.73 -23.81
CA ILE C 52 -13.32 0.83 -22.73
C ILE C 52 -12.69 0.70 -21.37
N PRO C 53 -13.39 1.19 -20.34
CA PRO C 53 -12.81 1.08 -18.99
C PRO C 53 -13.27 -0.26 -18.43
N PHE C 54 -12.32 -1.09 -17.97
CA PHE C 54 -12.67 -2.42 -17.47
C PHE C 54 -13.64 -2.42 -16.30
N ASN C 55 -13.54 -1.42 -15.41
CA ASN C 55 -14.43 -1.34 -14.25
C ASN C 55 -15.89 -1.27 -14.69
N PHE C 56 -16.14 -0.91 -15.94
CA PHE C 56 -17.50 -0.79 -16.44
C PHE C 56 -18.10 -2.05 -17.02
N VAL C 57 -17.35 -3.15 -17.01
CA VAL C 57 -17.86 -4.39 -17.58
C VAL C 57 -17.60 -5.58 -16.70
N ALA C 58 -18.23 -6.71 -17.06
CA ALA C 58 -18.08 -7.95 -16.32
C ALA C 58 -18.05 -9.11 -17.30
N LYS C 59 -17.24 -10.13 -17.04
CA LYS C 59 -17.15 -11.28 -17.93
C LYS C 59 -18.55 -11.82 -18.23
N ALA C 60 -18.84 -12.02 -19.51
CA ALA C 60 -20.16 -12.49 -19.96
C ALA C 60 -20.16 -13.96 -20.40
N ASN C 61 -18.97 -14.53 -20.56
CA ASN C 61 -18.84 -15.91 -20.97
C ASN C 61 -19.35 -16.88 -19.88
N SER C 62 -19.76 -18.08 -20.30
CA SER C 62 -20.28 -19.13 -19.43
C SER C 62 -19.29 -19.52 -18.34
N LEU C 63 -19.81 -20.04 -17.23
CA LEU C 63 -18.95 -20.46 -16.12
C LEU C 63 -18.42 -21.85 -16.33
N GLU C 64 -19.23 -22.68 -16.98
CA GLU C 64 -18.90 -24.06 -17.24
C GLU C 64 -17.45 -24.26 -17.66
N PRO C 65 -16.95 -23.44 -18.58
CA PRO C 65 -15.55 -23.65 -18.96
C PRO C 65 -14.50 -23.23 -17.91
N GLU C 66 -14.90 -22.41 -16.94
CA GLU C 66 -13.96 -21.96 -15.90
C GLU C 66 -13.24 -23.09 -15.20
N PRO C 67 -11.92 -23.00 -15.12
CA PRO C 67 -11.08 -24.02 -14.48
C PRO C 67 -11.51 -24.40 -13.09
N TRP C 68 -12.06 -23.43 -12.37
CA TRP C 68 -12.42 -23.64 -10.97
C TRP C 68 -13.89 -23.90 -10.69
N PHE C 69 -14.70 -23.86 -11.73
CA PHE C 69 -16.11 -24.08 -11.53
C PHE C 69 -16.49 -25.54 -11.62
N PHE C 70 -17.35 -25.99 -10.73
CA PHE C 70 -17.80 -27.37 -10.74
C PHE C 70 -19.22 -27.38 -10.28
N LYS C 71 -20.11 -26.95 -11.17
CA LYS C 71 -21.53 -26.88 -10.85
C LYS C 71 -22.11 -28.09 -10.13
N ASN C 72 -22.25 -29.20 -10.85
CA ASN C 72 -22.81 -30.42 -10.28
C ASN C 72 -21.83 -31.11 -9.35
N LEU C 73 -21.54 -30.49 -8.22
CA LEU C 73 -20.61 -31.09 -7.28
C LEU C 73 -21.09 -30.84 -5.86
N SER C 74 -21.26 -31.90 -5.09
CA SER C 74 -21.73 -31.74 -3.71
C SER C 74 -20.61 -31.23 -2.83
N ARG C 75 -20.95 -30.94 -1.59
CA ARG C 75 -19.97 -30.46 -0.64
C ARG C 75 -18.92 -31.55 -0.44
N LYS C 76 -19.36 -32.77 -0.06
CA LYS C 76 -18.44 -33.90 0.17
C LYS C 76 -17.57 -34.17 -1.05
N ASP C 77 -18.20 -34.22 -2.23
CA ASP C 77 -17.47 -34.45 -3.46
C ASP C 77 -16.39 -33.38 -3.61
N ALA C 78 -16.70 -32.16 -3.21
CA ALA C 78 -15.73 -31.07 -3.33
C ALA C 78 -14.70 -31.19 -2.23
N GLU C 79 -15.17 -31.49 -1.03
CA GLU C 79 -14.28 -31.61 0.12
C GLU C 79 -13.24 -32.71 -0.04
N ARG C 80 -13.58 -33.75 -0.80
CA ARG C 80 -12.64 -34.85 -0.97
C ARG C 80 -11.68 -34.59 -2.12
N GLN C 81 -12.24 -34.20 -3.26
CA GLN C 81 -11.44 -33.90 -4.44
C GLN C 81 -10.28 -32.96 -4.08
N LEU C 82 -10.53 -31.99 -3.22
CA LEU C 82 -9.52 -31.04 -2.82
C LEU C 82 -8.42 -31.71 -2.02
N LEU C 83 -8.77 -32.71 -1.23
CA LEU C 83 -7.78 -33.41 -0.43
C LEU C 83 -7.03 -34.46 -1.26
N ALA C 84 -7.54 -34.75 -2.44
CA ALA C 84 -6.90 -35.70 -3.34
C ALA C 84 -5.51 -35.19 -3.72
N PRO C 85 -4.62 -36.08 -4.18
CA PRO C 85 -3.28 -35.65 -4.57
C PRO C 85 -3.40 -34.76 -5.79
N GLY C 86 -2.38 -33.96 -6.05
CA GLY C 86 -2.41 -33.05 -7.18
C GLY C 86 -2.84 -31.67 -6.73
N ASN C 87 -3.31 -31.56 -5.48
CA ASN C 87 -3.76 -30.31 -4.92
C ASN C 87 -3.01 -29.98 -3.64
N THR C 88 -3.06 -28.72 -3.23
CA THR C 88 -2.37 -28.35 -2.01
C THR C 88 -3.05 -27.14 -1.36
N HIS C 89 -2.42 -26.62 -0.32
CA HIS C 89 -2.98 -25.48 0.38
C HIS C 89 -3.22 -24.41 -0.68
N GLY C 90 -4.36 -23.74 -0.59
CA GLY C 90 -4.64 -22.72 -1.59
C GLY C 90 -5.44 -23.23 -2.77
N SER C 91 -5.68 -24.53 -2.85
CA SER C 91 -6.47 -25.10 -3.92
C SER C 91 -7.93 -24.80 -3.57
N PHE C 92 -8.70 -24.38 -4.57
CA PHE C 92 -10.08 -24.01 -4.36
C PHE C 92 -10.99 -24.39 -5.52
N LEU C 93 -12.28 -24.19 -5.32
CA LEU C 93 -13.25 -24.43 -6.37
C LEU C 93 -14.58 -23.79 -5.95
N ILE C 94 -15.47 -23.65 -6.91
CA ILE C 94 -16.77 -23.09 -6.63
C ILE C 94 -17.84 -24.00 -7.21
N ARG C 95 -18.83 -24.28 -6.38
CA ARG C 95 -19.91 -25.15 -6.80
C ARG C 95 -21.22 -24.49 -6.48
N GLU C 96 -22.30 -24.98 -7.07
CA GLU C 96 -23.62 -24.42 -6.81
C GLU C 96 -24.29 -25.30 -5.76
N SER C 97 -24.51 -24.76 -4.56
CA SER C 97 -25.13 -25.52 -3.46
C SER C 97 -26.42 -26.24 -3.85
N GLU C 98 -26.39 -27.57 -3.85
CA GLU C 98 -27.55 -28.40 -4.18
C GLU C 98 -28.73 -28.06 -3.25
N SER C 99 -28.39 -27.86 -1.98
CA SER C 99 -29.34 -27.50 -0.93
C SER C 99 -29.99 -26.14 -1.26
N THR C 100 -29.24 -25.07 -1.01
CA THR C 100 -29.68 -23.69 -1.28
C THR C 100 -29.42 -23.38 -2.76
N ALA C 101 -30.22 -23.91 -3.68
CA ALA C 101 -30.01 -23.66 -5.10
C ALA C 101 -29.88 -22.17 -5.38
N GLY C 102 -29.39 -21.83 -6.58
CA GLY C 102 -29.22 -20.42 -6.94
C GLY C 102 -28.09 -19.74 -6.17
N SER C 103 -27.62 -20.39 -5.11
CA SER C 103 -26.55 -19.86 -4.31
C SER C 103 -25.27 -20.64 -4.62
N PHE C 104 -24.14 -19.98 -4.53
CA PHE C 104 -22.88 -20.66 -4.81
C PHE C 104 -22.07 -20.78 -3.53
N SER C 105 -21.10 -21.68 -3.57
CA SER C 105 -20.20 -21.92 -2.44
C SER C 105 -18.79 -21.96 -2.97
N LEU C 106 -17.85 -21.69 -2.06
CA LEU C 106 -16.41 -21.67 -2.35
C LEU C 106 -15.72 -22.61 -1.39
N SER C 107 -14.94 -23.53 -1.93
CA SER C 107 -14.20 -24.49 -1.10
C SER C 107 -12.72 -24.34 -1.35
N VAL C 108 -11.97 -24.17 -0.28
CA VAL C 108 -10.54 -23.97 -0.42
C VAL C 108 -9.75 -24.77 0.61
N ARG C 109 -8.70 -25.46 0.16
CA ARG C 109 -7.90 -26.26 1.07
C ARG C 109 -6.85 -25.41 1.78
N ASP C 110 -6.66 -25.69 3.06
CA ASP C 110 -5.71 -24.97 3.89
C ASP C 110 -5.13 -25.95 4.90
N PHE C 111 -4.01 -25.58 5.54
CA PHE C 111 -3.39 -26.46 6.53
C PHE C 111 -3.54 -25.94 7.95
N ASP C 112 -4.09 -26.78 8.82
CA ASP C 112 -4.28 -26.41 10.22
C ASP C 112 -3.12 -27.02 11.00
N GLN C 113 -2.33 -26.18 11.67
CA GLN C 113 -1.20 -26.64 12.44
C GLN C 113 -1.65 -27.54 13.60
N ASN C 114 -2.94 -27.80 13.65
CA ASN C 114 -3.52 -28.63 14.71
C ASN C 114 -4.13 -29.89 14.08
N GLN C 115 -4.90 -29.71 13.02
CA GLN C 115 -5.57 -30.81 12.32
C GLN C 115 -5.06 -31.01 10.88
N GLY C 116 -3.86 -30.50 10.61
CA GLY C 116 -3.26 -30.62 9.29
C GLY C 116 -4.14 -30.18 8.13
N GLU C 117 -4.23 -31.02 7.11
CA GLU C 117 -5.04 -30.72 5.93
C GLU C 117 -6.52 -30.62 6.23
N VAL C 118 -7.13 -29.53 5.80
CA VAL C 118 -8.57 -29.29 6.01
C VAL C 118 -9.14 -28.48 4.85
N VAL C 119 -10.45 -28.53 4.68
CA VAL C 119 -11.10 -27.78 3.60
C VAL C 119 -12.18 -26.87 4.13
N LYS C 120 -11.90 -25.57 4.11
CA LYS C 120 -12.86 -24.59 4.62
C LYS C 120 -13.86 -24.16 3.54
N HIS C 121 -15.13 -24.06 3.91
CA HIS C 121 -16.18 -23.67 2.99
C HIS C 121 -16.69 -22.26 3.27
N TYR C 122 -17.02 -21.52 2.21
CA TYR C 122 -17.53 -20.17 2.36
C TYR C 122 -18.70 -19.98 1.43
N LYS C 123 -19.77 -19.40 1.95
CA LYS C 123 -20.94 -19.16 1.14
C LYS C 123 -20.78 -17.91 0.33
N ILE C 124 -21.33 -17.94 -0.88
CA ILE C 124 -21.27 -16.79 -1.72
C ILE C 124 -22.69 -16.30 -1.81
N ARG C 125 -22.95 -15.24 -1.04
CA ARG C 125 -24.26 -14.61 -0.99
C ARG C 125 -24.59 -13.91 -2.30
N ASN C 126 -25.87 -13.85 -2.61
CA ASN C 126 -26.33 -13.20 -3.82
C ASN C 126 -26.66 -11.75 -3.52
N LEU C 127 -26.44 -10.88 -4.48
CA LEU C 127 -26.74 -9.47 -4.29
C LEU C 127 -28.01 -9.16 -5.07
N ASP C 128 -28.70 -8.07 -4.73
CA ASP C 128 -29.95 -7.71 -5.42
C ASP C 128 -29.80 -7.50 -6.94
N ASN C 129 -28.91 -6.58 -7.32
CA ASN C 129 -28.65 -6.25 -8.73
C ASN C 129 -28.23 -7.50 -9.51
N GLY C 130 -27.89 -8.55 -8.79
CA GLY C 130 -27.46 -9.77 -9.44
C GLY C 130 -25.99 -10.05 -9.19
N GLY C 131 -25.37 -9.28 -8.30
CA GLY C 131 -23.98 -9.49 -8.00
C GLY C 131 -23.73 -10.58 -6.96
N PHE C 132 -22.50 -10.63 -6.45
CA PHE C 132 -22.09 -11.62 -5.46
C PHE C 132 -21.17 -11.05 -4.38
N TYR C 133 -20.86 -11.88 -3.39
CA TYR C 133 -19.97 -11.47 -2.35
C TYR C 133 -19.87 -12.50 -1.28
N ILE C 134 -18.71 -12.53 -0.63
CA ILE C 134 -18.43 -13.44 0.46
C ILE C 134 -18.42 -12.57 1.70
N SER C 135 -17.82 -11.40 1.55
CA SER C 135 -17.78 -10.43 2.64
C SER C 135 -18.43 -9.16 2.15
N PRO C 136 -19.41 -8.65 2.89
CA PRO C 136 -20.08 -7.42 2.47
C PRO C 136 -19.09 -6.30 2.19
N ARG C 137 -17.86 -6.47 2.67
CA ARG C 137 -16.83 -5.45 2.46
C ARG C 137 -16.48 -5.26 0.98
N ILE C 138 -16.53 -6.33 0.20
CA ILE C 138 -16.22 -6.28 -1.24
C ILE C 138 -17.34 -6.99 -2.01
N THR C 139 -17.85 -6.39 -3.08
CA THR C 139 -18.89 -7.07 -3.85
C THR C 139 -18.42 -7.19 -5.29
N PHE C 140 -18.99 -8.13 -6.02
CA PHE C 140 -18.59 -8.37 -7.39
C PHE C 140 -19.81 -8.56 -8.27
N PRO C 141 -19.71 -8.14 -9.54
CA PRO C 141 -20.82 -8.28 -10.48
C PRO C 141 -20.93 -9.67 -11.07
N GLY C 142 -19.97 -10.54 -10.73
CA GLY C 142 -19.97 -11.89 -11.24
C GLY C 142 -18.90 -12.73 -10.57
N LEU C 143 -19.11 -14.05 -10.54
CA LEU C 143 -18.15 -14.96 -9.91
C LEU C 143 -16.71 -14.85 -10.42
N HIS C 144 -16.55 -14.39 -11.65
CA HIS C 144 -15.21 -14.26 -12.22
C HIS C 144 -14.46 -13.18 -11.45
N GLU C 145 -15.10 -12.03 -11.29
CA GLU C 145 -14.50 -10.92 -10.59
C GLU C 145 -14.11 -11.32 -9.18
N LEU C 146 -15.01 -12.02 -8.50
CA LEU C 146 -14.75 -12.50 -7.18
C LEU C 146 -13.49 -13.35 -7.14
N VAL C 147 -13.42 -14.42 -7.95
CA VAL C 147 -12.23 -15.27 -7.95
C VAL C 147 -11.01 -14.42 -8.25
N ARG C 148 -11.05 -13.67 -9.34
CA ARG C 148 -9.93 -12.80 -9.72
C ARG C 148 -9.49 -12.03 -8.46
N HIS C 149 -10.47 -11.53 -7.72
CA HIS C 149 -10.13 -10.79 -6.53
C HIS C 149 -9.44 -11.61 -5.46
N TYR C 150 -10.04 -12.72 -5.05
CA TYR C 150 -9.44 -13.52 -3.99
C TYR C 150 -8.26 -14.39 -4.36
N THR C 151 -7.79 -14.33 -5.60
CA THR C 151 -6.61 -15.11 -5.93
C THR C 151 -5.42 -14.15 -5.85
N ASN C 152 -5.72 -12.86 -5.73
CA ASN C 152 -4.69 -11.82 -5.63
C ASN C 152 -4.63 -11.19 -4.23
N ALA C 153 -5.55 -11.58 -3.34
CA ALA C 153 -5.58 -11.04 -1.98
C ALA C 153 -6.58 -11.84 -1.19
N SER C 154 -6.19 -12.33 -0.03
CA SER C 154 -7.12 -13.13 0.75
C SER C 154 -7.83 -12.31 1.81
N ASP C 155 -8.06 -11.03 1.56
CA ASP C 155 -8.72 -10.21 2.57
C ASP C 155 -9.96 -10.84 3.16
N GLY C 156 -9.77 -11.49 4.30
CA GLY C 156 -10.87 -12.14 4.95
C GLY C 156 -10.73 -13.64 4.90
N LEU C 157 -10.35 -14.16 3.74
CA LEU C 157 -10.17 -15.60 3.57
C LEU C 157 -8.94 -16.10 4.30
N CYS C 158 -8.99 -17.35 4.75
CA CYS C 158 -7.85 -17.92 5.45
C CYS C 158 -6.61 -17.90 4.56
N THR C 159 -6.81 -18.01 3.26
CA THR C 159 -5.70 -18.02 2.30
C THR C 159 -6.18 -17.57 0.93
N ARG C 160 -5.28 -17.07 0.11
CA ARG C 160 -5.67 -16.64 -1.23
C ARG C 160 -6.07 -17.90 -2.01
N LEU C 161 -6.89 -17.72 -3.03
CA LEU C 161 -7.30 -18.84 -3.87
C LEU C 161 -6.15 -19.07 -4.84
N SER C 162 -5.17 -19.83 -4.38
CA SER C 162 -3.96 -20.14 -5.13
C SER C 162 -4.15 -20.85 -6.46
N ARG C 163 -4.70 -22.06 -6.40
CA ARG C 163 -4.87 -22.86 -7.60
C ARG C 163 -6.17 -23.64 -7.67
N PRO C 164 -6.77 -23.73 -8.86
CA PRO C 164 -8.03 -24.48 -9.02
C PRO C 164 -7.79 -25.94 -8.71
N CYS C 165 -8.83 -26.62 -8.24
CA CYS C 165 -8.76 -28.03 -7.92
C CYS C 165 -8.41 -28.83 -9.18
N GLN C 166 -7.69 -29.94 -9.00
CA GLN C 166 -7.27 -30.81 -10.10
C GLN C 166 -7.78 -32.24 -9.88
N THR C 167 -8.02 -32.95 -10.98
CA THR C 167 -8.48 -34.35 -10.93
C THR C 167 -7.30 -35.25 -10.55
N ASN D 5 -15.49 16.86 18.02
CA ASN D 5 -16.07 17.86 18.96
C ASN D 5 -15.02 18.69 19.72
N LEU D 6 -14.48 18.14 20.80
CA LEU D 6 -13.48 18.83 21.57
C LEU D 6 -12.11 18.21 21.34
N VAL D 7 -11.11 19.03 21.06
CA VAL D 7 -9.76 18.53 20.85
C VAL D 7 -8.77 19.46 21.53
N ILE D 8 -7.69 18.86 22.01
CA ILE D 8 -6.63 19.59 22.70
C ILE D 8 -5.43 19.66 21.76
N ALA D 9 -4.81 20.83 21.68
CA ALA D 9 -3.66 21.02 20.81
C ALA D 9 -2.42 20.31 21.35
N LEU D 10 -1.98 19.26 20.66
CA LEU D 10 -0.81 18.51 21.08
C LEU D 10 0.45 19.31 20.85
N HIS D 11 0.39 20.27 19.94
CA HIS D 11 1.53 21.12 19.62
C HIS D 11 1.00 22.48 19.19
N SER D 12 1.89 23.48 19.16
CA SER D 12 1.48 24.81 18.74
C SER D 12 1.51 24.80 17.23
N TYR D 13 0.76 25.70 16.62
CA TYR D 13 0.74 25.75 15.17
C TYR D 13 0.56 27.16 14.67
N GLU D 14 1.53 27.61 13.88
CA GLU D 14 1.49 28.95 13.31
C GLU D 14 0.86 28.81 11.93
N PRO D 15 -0.19 29.59 11.68
CA PRO D 15 -0.89 29.55 10.39
C PRO D 15 0.06 29.59 9.21
N SER D 16 -0.12 28.66 8.28
CA SER D 16 0.73 28.59 7.12
C SER D 16 -0.01 28.96 5.85
N HIS D 17 -1.19 28.39 5.64
CA HIS D 17 -1.98 28.70 4.46
C HIS D 17 -3.17 29.56 4.84
N ASP D 18 -3.83 30.09 3.82
CA ASP D 18 -5.00 30.92 4.00
C ASP D 18 -6.11 30.09 4.64
N GLY D 19 -6.88 30.74 5.51
CA GLY D 19 -7.97 30.06 6.17
C GLY D 19 -7.51 29.13 7.27
N ASP D 20 -6.21 29.09 7.56
CA ASP D 20 -5.69 28.24 8.63
C ASP D 20 -6.03 28.90 9.96
N LEU D 21 -5.99 28.12 11.02
CA LEU D 21 -6.29 28.65 12.34
C LEU D 21 -5.13 28.33 13.29
N GLY D 22 -4.40 29.36 13.71
CA GLY D 22 -3.28 29.14 14.62
C GLY D 22 -3.72 28.88 16.03
N PHE D 23 -2.92 28.13 16.78
CA PHE D 23 -3.24 27.83 18.17
C PHE D 23 -2.05 27.43 19.02
N GLU D 24 -2.10 27.81 20.29
CA GLU D 24 -1.03 27.50 21.24
C GLU D 24 -1.11 26.05 21.72
N LYS D 25 0.05 25.45 21.98
CA LYS D 25 0.12 24.07 22.45
C LYS D 25 -0.65 23.91 23.75
N GLY D 26 -1.58 22.96 23.78
CA GLY D 26 -2.37 22.73 24.97
C GLY D 26 -3.63 23.56 25.00
N GLU D 27 -4.07 24.02 23.83
CA GLU D 27 -5.27 24.84 23.71
C GLU D 27 -6.51 23.97 23.45
N GLN D 28 -7.65 24.45 23.90
CA GLN D 28 -8.92 23.73 23.74
C GLN D 28 -9.62 24.25 22.48
N LEU D 29 -9.90 23.36 21.54
CA LEU D 29 -10.57 23.73 20.30
C LEU D 29 -11.86 22.97 20.12
N ARG D 30 -12.75 23.53 19.29
CA ARG D 30 -14.03 22.90 19.00
C ARG D 30 -14.09 22.60 17.52
N ILE D 31 -14.18 21.32 17.18
CA ILE D 31 -14.22 20.92 15.78
C ILE D 31 -15.57 21.25 15.15
N LEU D 32 -15.55 21.77 13.93
CA LEU D 32 -16.77 22.10 13.23
C LEU D 32 -16.95 21.16 12.05
N GLU D 33 -15.84 20.83 11.37
CA GLU D 33 -15.86 19.94 10.20
C GLU D 33 -14.63 19.01 10.19
N GLN D 34 -14.82 17.76 9.76
CA GLN D 34 -13.74 16.79 9.69
C GLN D 34 -13.41 16.40 8.26
N SER D 35 -12.99 17.40 7.49
CA SER D 35 -12.66 17.19 6.08
C SER D 35 -11.37 16.41 5.89
N GLY D 36 -11.33 15.21 6.45
CA GLY D 36 -10.17 14.36 6.33
C GLY D 36 -8.91 14.86 7.00
N GLU D 37 -7.98 15.37 6.21
CA GLU D 37 -6.72 15.84 6.76
C GLU D 37 -6.75 17.21 7.43
N TRP D 38 -7.63 18.09 6.97
CA TRP D 38 -7.76 19.42 7.57
C TRP D 38 -9.12 19.62 8.19
N TRP D 39 -9.15 19.92 9.47
CA TRP D 39 -10.40 20.13 10.16
C TRP D 39 -10.75 21.58 10.39
N LYS D 40 -12.05 21.87 10.35
CA LYS D 40 -12.53 23.23 10.58
C LYS D 40 -12.73 23.34 12.07
N ALA D 41 -11.94 24.20 12.70
CA ALA D 41 -12.00 24.35 14.13
C ALA D 41 -12.29 25.78 14.63
N GLN D 42 -12.51 25.89 15.93
CA GLN D 42 -12.80 27.16 16.55
C GLN D 42 -12.18 27.14 17.94
N SER D 43 -11.41 28.18 18.26
CA SER D 43 -10.76 28.27 19.54
C SER D 43 -11.76 28.62 20.65
N LEU D 44 -11.54 28.06 21.84
CA LEU D 44 -12.40 28.32 23.00
C LEU D 44 -11.71 29.38 23.86
N THR D 45 -11.04 30.31 23.20
CA THR D 45 -10.34 31.36 23.91
C THR D 45 -10.33 32.58 23.04
N THR D 46 -10.48 32.37 21.75
CA THR D 46 -10.48 33.48 20.79
C THR D 46 -11.78 33.52 20.01
N GLY D 47 -12.42 32.36 19.88
CA GLY D 47 -13.66 32.29 19.14
C GLY D 47 -13.40 32.40 17.65
N GLN D 48 -12.13 32.52 17.29
CA GLN D 48 -11.73 32.62 15.89
C GLN D 48 -11.85 31.25 15.24
N GLU D 49 -12.22 31.23 13.97
CA GLU D 49 -12.39 30.00 13.21
C GLU D 49 -11.27 29.72 12.22
N GLY D 50 -11.24 28.50 11.68
CA GLY D 50 -10.21 28.16 10.70
C GLY D 50 -9.96 26.68 10.63
N PHE D 51 -9.02 26.29 9.76
CA PHE D 51 -8.65 24.90 9.57
C PHE D 51 -7.38 24.55 10.30
N ILE D 52 -7.33 23.32 10.82
CA ILE D 52 -6.15 22.87 11.54
C ILE D 52 -5.77 21.46 11.10
N PRO D 53 -4.50 21.09 11.23
CA PRO D 53 -4.06 19.74 10.84
C PRO D 53 -4.54 18.74 11.90
N PHE D 54 -5.33 17.75 11.50
CA PHE D 54 -5.86 16.80 12.47
C PHE D 54 -4.84 16.17 13.43
N ASN D 55 -3.63 15.91 12.96
CA ASN D 55 -2.63 15.28 13.81
C ASN D 55 -1.93 16.19 14.82
N PHE D 56 -2.37 17.45 14.94
CA PHE D 56 -1.76 18.35 15.89
C PHE D 56 -2.67 18.42 17.11
N VAL D 57 -3.74 17.64 17.09
CA VAL D 57 -4.69 17.60 18.20
C VAL D 57 -5.18 16.19 18.47
N ALA D 58 -5.87 16.03 19.59
CA ALA D 58 -6.42 14.73 19.99
C ALA D 58 -7.78 14.90 20.69
N LYS D 59 -8.70 13.97 20.43
CA LYS D 59 -10.01 14.02 21.05
C LYS D 59 -9.87 14.30 22.55
N ALA D 60 -10.57 15.34 23.02
CA ALA D 60 -10.53 15.73 24.42
C ALA D 60 -11.82 15.30 25.12
N ASN D 61 -12.78 14.86 24.31
CA ASN D 61 -14.08 14.42 24.80
C ASN D 61 -13.94 13.30 25.84
N SER D 62 -14.66 13.41 26.96
CA SER D 62 -14.62 12.41 28.02
C SER D 62 -14.75 11.00 27.44
N LEU D 63 -14.35 9.99 28.20
CA LEU D 63 -14.43 8.62 27.72
C LEU D 63 -15.75 7.94 28.04
N GLU D 64 -16.30 8.25 29.21
CA GLU D 64 -17.56 7.66 29.67
C GLU D 64 -18.56 7.44 28.53
N PRO D 65 -18.71 8.43 27.65
CA PRO D 65 -19.65 8.26 26.55
C PRO D 65 -19.28 7.16 25.55
N GLU D 66 -18.00 7.06 25.24
CA GLU D 66 -17.52 6.08 24.26
C GLU D 66 -18.15 4.70 24.34
N PRO D 67 -18.73 4.24 23.21
CA PRO D 67 -19.39 2.94 23.09
C PRO D 67 -18.51 1.77 23.51
N TRP D 68 -17.22 1.87 23.23
CA TRP D 68 -16.30 0.79 23.54
C TRP D 68 -15.67 0.85 24.91
N PHE D 69 -15.88 1.95 25.62
CA PHE D 69 -15.29 2.12 26.94
C PHE D 69 -16.21 1.60 28.05
N PHE D 70 -15.63 0.91 29.01
CA PHE D 70 -16.40 0.36 30.12
C PHE D 70 -15.50 0.36 31.34
N LYS D 71 -15.52 1.48 32.04
CA LYS D 71 -14.71 1.67 33.24
C LYS D 71 -14.86 0.55 34.27
N ASN D 72 -15.91 0.62 35.07
CA ASN D 72 -16.17 -0.37 36.11
C ASN D 72 -16.49 -1.72 35.46
N LEU D 73 -15.45 -2.47 35.09
CA LEU D 73 -15.68 -3.77 34.47
C LEU D 73 -14.51 -4.71 34.72
N SER D 74 -14.82 -5.82 35.38
CA SER D 74 -13.84 -6.85 35.70
C SER D 74 -13.36 -7.56 34.44
N ARG D 75 -12.19 -8.19 34.51
CA ARG D 75 -11.65 -8.92 33.39
C ARG D 75 -12.51 -10.10 32.99
N LYS D 76 -12.96 -10.88 33.97
CA LYS D 76 -13.81 -12.02 33.66
C LYS D 76 -15.16 -11.53 33.18
N ASP D 77 -15.54 -10.33 33.61
CA ASP D 77 -16.81 -9.75 33.20
C ASP D 77 -16.79 -9.40 31.72
N ALA D 78 -15.66 -8.91 31.25
CA ALA D 78 -15.50 -8.53 29.87
C ALA D 78 -15.66 -9.76 28.99
N GLU D 79 -15.05 -10.87 29.41
CA GLU D 79 -15.11 -12.12 28.66
C GLU D 79 -16.52 -12.65 28.51
N ARG D 80 -17.35 -12.38 29.51
CA ARG D 80 -18.72 -12.84 29.46
C ARG D 80 -19.50 -11.91 28.56
N GLN D 81 -19.38 -10.62 28.81
CA GLN D 81 -20.07 -9.63 28.02
C GLN D 81 -19.73 -9.81 26.53
N LEU D 82 -18.46 -10.06 26.25
CA LEU D 82 -17.97 -10.24 24.90
C LEU D 82 -18.36 -11.57 24.26
N LEU D 83 -18.46 -12.62 25.06
CA LEU D 83 -18.81 -13.93 24.53
C LEU D 83 -20.32 -14.13 24.43
N ALA D 84 -21.09 -13.31 25.14
CA ALA D 84 -22.55 -13.41 25.13
C ALA D 84 -23.18 -13.04 23.78
N PRO D 85 -24.43 -13.49 23.55
CA PRO D 85 -25.14 -13.20 22.29
C PRO D 85 -25.08 -11.72 21.95
N GLY D 86 -25.12 -11.42 20.64
CA GLY D 86 -25.05 -10.04 20.23
C GLY D 86 -23.66 -9.59 19.81
N ASN D 87 -22.64 -10.37 20.14
CA ASN D 87 -21.28 -10.02 19.75
C ASN D 87 -20.71 -11.10 18.85
N THR D 88 -19.56 -10.82 18.24
CA THR D 88 -18.86 -11.77 17.35
C THR D 88 -17.37 -11.46 17.22
N HIS D 89 -16.74 -12.02 16.20
CA HIS D 89 -15.32 -11.84 15.93
C HIS D 89 -15.02 -10.36 15.77
N GLY D 90 -14.03 -9.87 16.51
CA GLY D 90 -13.69 -8.47 16.41
C GLY D 90 -14.40 -7.60 17.42
N SER D 91 -15.26 -8.17 18.26
CA SER D 91 -15.94 -7.34 19.25
C SER D 91 -14.90 -7.00 20.32
N PHE D 92 -14.90 -5.76 20.77
CA PHE D 92 -13.91 -5.35 21.76
C PHE D 92 -14.47 -4.38 22.80
N LEU D 93 -13.62 -3.98 23.73
CA LEU D 93 -14.01 -3.05 24.76
C LEU D 93 -12.78 -2.71 25.55
N ILE D 94 -12.78 -1.52 26.12
CA ILE D 94 -11.66 -1.10 26.91
C ILE D 94 -12.13 -0.87 28.32
N ARG D 95 -11.49 -1.56 29.25
CA ARG D 95 -11.83 -1.46 30.65
C ARG D 95 -10.67 -0.82 31.39
N GLU D 96 -10.83 -0.63 32.70
CA GLU D 96 -9.79 -0.02 33.49
C GLU D 96 -8.99 -1.15 34.12
N SER D 97 -7.82 -1.45 33.56
CA SER D 97 -6.97 -2.54 34.02
C SER D 97 -7.28 -3.00 35.45
N GLU D 98 -7.52 -4.30 35.58
CA GLU D 98 -7.84 -4.88 36.89
C GLU D 98 -6.64 -4.84 37.83
N SER D 99 -5.50 -5.27 37.32
CA SER D 99 -4.27 -5.29 38.10
C SER D 99 -3.90 -3.88 38.54
N THR D 100 -3.39 -3.12 37.58
CA THR D 100 -2.94 -1.75 37.83
C THR D 100 -4.11 -0.79 37.98
N ALA D 101 -4.07 0.02 39.03
CA ALA D 101 -5.12 1.00 39.26
C ALA D 101 -4.74 2.30 38.56
N GLY D 102 -4.94 2.32 37.24
CA GLY D 102 -4.61 3.51 36.46
C GLY D 102 -4.49 3.24 34.97
N SER D 103 -4.13 2.01 34.63
CA SER D 103 -3.97 1.60 33.25
C SER D 103 -5.28 1.13 32.62
N PHE D 104 -5.17 0.69 31.38
CA PHE D 104 -6.34 0.23 30.64
C PHE D 104 -6.01 -1.02 29.91
N SER D 105 -7.03 -1.82 29.65
CA SER D 105 -6.80 -3.04 28.91
C SER D 105 -7.76 -3.08 27.74
N LEU D 106 -7.31 -3.68 26.65
CA LEU D 106 -8.12 -3.84 25.44
C LEU D 106 -8.56 -5.30 25.44
N SER D 107 -9.86 -5.55 25.38
CA SER D 107 -10.34 -6.93 25.35
C SER D 107 -11.03 -7.17 24.02
N VAL D 108 -10.60 -8.20 23.30
CA VAL D 108 -11.17 -8.48 22.00
C VAL D 108 -11.53 -9.94 21.76
N ARG D 109 -12.73 -10.18 21.26
CA ARG D 109 -13.18 -11.54 20.98
C ARG D 109 -12.82 -12.00 19.57
N ASP D 110 -12.23 -13.19 19.50
CA ASP D 110 -11.85 -13.75 18.21
C ASP D 110 -12.14 -15.24 18.18
N PHE D 111 -11.67 -15.92 17.13
CA PHE D 111 -11.92 -17.36 17.00
C PHE D 111 -10.66 -18.20 17.17
N ASP D 112 -10.83 -19.51 17.15
CA ASP D 112 -9.71 -20.44 17.31
C ASP D 112 -10.14 -21.85 16.91
N GLN D 113 -9.16 -22.74 16.71
CA GLN D 113 -9.46 -24.12 16.34
C GLN D 113 -9.39 -25.05 17.54
N ASN D 114 -8.41 -24.86 18.41
CA ASN D 114 -8.29 -25.71 19.60
C ASN D 114 -9.57 -25.60 20.44
N GLN D 115 -10.21 -24.44 20.34
CA GLN D 115 -11.46 -24.14 21.03
C GLN D 115 -12.24 -23.11 20.19
N GLY D 116 -13.53 -22.98 20.44
CA GLY D 116 -14.32 -22.04 19.65
C GLY D 116 -13.88 -20.59 19.82
N GLU D 117 -14.86 -19.73 20.09
CA GLU D 117 -14.62 -18.31 20.29
C GLU D 117 -13.75 -18.13 21.52
N VAL D 118 -13.00 -17.04 21.54
CA VAL D 118 -12.11 -16.74 22.66
C VAL D 118 -11.93 -15.25 22.84
N VAL D 119 -11.54 -14.85 24.05
CA VAL D 119 -11.35 -13.44 24.34
C VAL D 119 -9.90 -13.12 24.66
N LYS D 120 -9.26 -12.35 23.80
CA LYS D 120 -7.87 -11.97 24.00
C LYS D 120 -7.78 -10.66 24.77
N HIS D 121 -6.74 -10.54 25.58
CA HIS D 121 -6.52 -9.33 26.37
C HIS D 121 -5.21 -8.69 25.98
N TYR D 122 -5.20 -7.37 26.00
CA TYR D 122 -4.02 -6.64 25.64
C TYR D 122 -3.77 -5.54 26.63
N LYS D 123 -2.56 -5.51 27.17
CA LYS D 123 -2.22 -4.47 28.14
C LYS D 123 -1.94 -3.20 27.33
N ILE D 124 -2.51 -2.08 27.76
CA ILE D 124 -2.26 -0.82 27.08
C ILE D 124 -1.27 -0.04 27.92
N ARG D 125 0.00 -0.07 27.50
CA ARG D 125 1.07 0.61 28.21
C ARG D 125 0.92 2.11 28.12
N ASN D 126 1.61 2.85 28.97
CA ASN D 126 1.52 4.31 28.96
C ASN D 126 2.80 4.98 28.48
N LEU D 127 2.70 6.28 28.23
CA LEU D 127 3.83 7.05 27.76
C LEU D 127 4.07 8.18 28.74
N ASP D 128 5.34 8.53 28.92
CA ASP D 128 5.72 9.59 29.82
C ASP D 128 4.88 10.84 29.58
N ASN D 129 4.71 11.21 28.31
CA ASN D 129 3.92 12.40 27.98
C ASN D 129 2.42 12.22 28.24
N GLY D 130 1.96 10.99 28.34
CA GLY D 130 0.55 10.76 28.59
C GLY D 130 -0.12 10.05 27.42
N GLY D 131 0.68 9.43 26.55
CA GLY D 131 0.14 8.71 25.41
C GLY D 131 -0.08 7.24 25.70
N PHE D 132 -0.50 6.48 24.69
CA PHE D 132 -0.77 5.06 24.84
C PHE D 132 -0.26 4.23 23.67
N TYR D 133 -0.02 2.94 23.92
CA TYR D 133 0.42 2.05 22.85
C TYR D 133 0.23 0.63 23.27
N ILE D 134 0.12 -0.25 22.30
CA ILE D 134 -0.05 -1.67 22.59
C ILE D 134 1.15 -2.32 21.97
N SER D 135 1.55 -1.76 20.83
CA SER D 135 2.72 -2.24 20.14
C SER D 135 3.65 -1.05 20.12
N PRO D 136 4.92 -1.24 20.48
CA PRO D 136 5.81 -0.08 20.45
C PRO D 136 5.95 0.40 19.01
N ARG D 137 5.30 -0.32 18.09
CA ARG D 137 5.34 0.04 16.68
C ARG D 137 4.61 1.36 16.42
N ILE D 138 3.46 1.56 17.09
CA ILE D 138 2.68 2.78 16.94
C ILE D 138 2.20 3.28 18.30
N THR D 139 2.33 4.58 18.53
CA THR D 139 1.89 5.17 19.79
C THR D 139 0.68 6.09 19.50
N PHE D 140 0.00 6.58 20.54
CA PHE D 140 -1.17 7.45 20.37
C PHE D 140 -1.28 8.52 21.45
N PRO D 141 -1.85 9.67 21.12
CA PRO D 141 -2.01 10.75 22.10
C PRO D 141 -3.15 10.44 23.07
N GLY D 142 -4.05 9.53 22.66
CA GLY D 142 -5.18 9.14 23.51
C GLY D 142 -5.86 7.84 23.09
N LEU D 143 -6.78 7.33 23.91
CA LEU D 143 -7.45 6.09 23.57
C LEU D 143 -8.33 6.14 22.34
N HIS D 144 -8.79 7.33 21.98
CA HIS D 144 -9.65 7.49 20.80
C HIS D 144 -8.85 7.16 19.57
N GLU D 145 -7.69 7.78 19.47
CA GLU D 145 -6.80 7.56 18.35
C GLU D 145 -6.45 6.09 18.28
N LEU D 146 -6.19 5.51 19.44
CA LEU D 146 -5.85 4.10 19.52
C LEU D 146 -6.96 3.19 18.93
N VAL D 147 -8.20 3.41 19.36
CA VAL D 147 -9.33 2.62 18.88
C VAL D 147 -9.63 2.94 17.42
N ARG D 148 -9.36 4.17 17.02
CA ARG D 148 -9.61 4.59 15.65
C ARG D 148 -8.64 3.85 14.72
N HIS D 149 -7.41 3.71 15.17
CA HIS D 149 -6.40 3.04 14.36
C HIS D 149 -6.64 1.54 14.25
N TYR D 150 -6.84 0.87 15.38
CA TYR D 150 -7.03 -0.58 15.33
C TYR D 150 -8.33 -1.09 14.74
N THR D 151 -9.23 -0.17 14.41
CA THR D 151 -10.47 -0.59 13.79
C THR D 151 -10.32 -0.52 12.28
N ASN D 152 -9.26 0.14 11.84
CA ASN D 152 -8.96 0.29 10.42
C ASN D 152 -7.74 -0.55 10.03
N ALA D 153 -7.24 -1.37 10.96
CA ALA D 153 -6.07 -2.21 10.72
C ALA D 153 -5.66 -3.11 11.91
N SER D 154 -5.29 -4.35 11.61
CA SER D 154 -4.85 -5.27 12.64
C SER D 154 -3.33 -5.14 12.70
N ASP D 155 -2.85 -3.93 12.88
CA ASP D 155 -1.42 -3.68 12.91
C ASP D 155 -0.74 -4.33 14.12
N GLY D 156 -0.61 -5.65 14.05
CA GLY D 156 0.02 -6.40 15.14
C GLY D 156 -0.97 -7.25 15.92
N LEU D 157 -2.19 -6.76 16.10
CA LEU D 157 -3.19 -7.50 16.84
C LEU D 157 -3.64 -8.75 16.11
N CYS D 158 -4.31 -9.62 16.84
CA CYS D 158 -4.83 -10.88 16.31
C CYS D 158 -5.99 -10.67 15.34
N THR D 159 -6.78 -9.63 15.59
CA THR D 159 -7.93 -9.35 14.73
C THR D 159 -8.35 -7.89 14.78
N ARG D 160 -8.69 -7.35 13.62
CA ARG D 160 -9.13 -5.98 13.52
C ARG D 160 -10.27 -5.75 14.54
N LEU D 161 -10.34 -4.54 15.09
CA LEU D 161 -11.37 -4.22 16.07
C LEU D 161 -12.67 -3.89 15.33
N SER D 162 -13.42 -4.95 15.05
CA SER D 162 -14.68 -4.83 14.33
C SER D 162 -15.74 -3.92 14.93
N ARG D 163 -16.19 -4.25 16.14
CA ARG D 163 -17.24 -3.47 16.77
C ARG D 163 -17.26 -3.52 18.29
N PRO D 164 -17.69 -2.40 18.92
CA PRO D 164 -17.79 -2.26 20.37
C PRO D 164 -18.69 -3.32 20.99
N CYS D 165 -18.34 -3.81 22.18
CA CYS D 165 -19.14 -4.84 22.86
C CYS D 165 -20.60 -4.44 22.95
N GLN D 166 -21.50 -5.41 22.83
CA GLN D 166 -22.91 -5.08 22.90
C GLN D 166 -23.59 -5.68 24.12
N THR D 167 -24.07 -4.78 24.98
CA THR D 167 -24.76 -5.15 26.20
C THR D 167 -25.94 -6.06 25.89
N ASN E 5 0.88 -18.31 -26.10
CA ASN E 5 1.30 -17.99 -24.69
C ASN E 5 2.52 -18.80 -24.23
N LEU E 6 3.64 -18.66 -24.94
CA LEU E 6 4.81 -19.42 -24.57
C LEU E 6 5.70 -18.66 -23.59
N VAL E 7 6.34 -19.38 -22.68
CA VAL E 7 7.24 -18.69 -21.79
C VAL E 7 8.54 -19.47 -21.80
N ILE E 8 9.60 -18.85 -21.31
CA ILE E 8 10.92 -19.48 -21.22
C ILE E 8 11.23 -19.47 -19.73
N ALA E 9 11.77 -20.55 -19.23
CA ALA E 9 12.10 -20.63 -17.81
C ALA E 9 13.39 -19.87 -17.50
N LEU E 10 13.30 -18.82 -16.71
CA LEU E 10 14.46 -18.00 -16.37
C LEU E 10 15.39 -18.78 -15.42
N HIS E 11 14.80 -19.65 -14.60
CA HIS E 11 15.53 -20.47 -13.65
C HIS E 11 14.95 -21.88 -13.61
N SER E 12 15.70 -22.83 -13.04
CA SER E 12 15.19 -24.18 -12.90
C SER E 12 14.25 -24.10 -11.71
N TYR E 13 13.39 -25.08 -11.56
CA TYR E 13 12.49 -25.05 -10.44
C TYR E 13 12.13 -26.47 -10.10
N GLU E 14 12.39 -26.85 -8.86
CA GLU E 14 12.08 -28.19 -8.41
C GLU E 14 10.70 -28.07 -7.79
N PRO E 15 9.85 -29.08 -7.99
CA PRO E 15 8.50 -29.04 -7.42
C PRO E 15 8.50 -28.96 -5.88
N SER E 16 7.88 -27.91 -5.34
CA SER E 16 7.81 -27.74 -3.89
C SER E 16 6.46 -28.22 -3.39
N HIS E 17 5.40 -27.84 -4.09
CA HIS E 17 4.05 -28.23 -3.69
C HIS E 17 3.43 -29.28 -4.61
N ASP E 18 2.55 -30.09 -4.05
CA ASP E 18 1.87 -31.12 -4.81
C ASP E 18 1.07 -30.45 -5.95
N GLY E 19 1.28 -30.91 -7.18
CA GLY E 19 0.59 -30.32 -8.31
C GLY E 19 1.50 -29.40 -9.11
N ASP E 20 2.68 -29.13 -8.55
CA ASP E 20 3.67 -28.27 -9.18
C ASP E 20 4.33 -28.96 -10.38
N LEU E 21 4.64 -28.19 -11.41
CA LEU E 21 5.33 -28.74 -12.58
C LEU E 21 6.79 -28.24 -12.55
N GLY E 22 7.73 -29.14 -12.31
CA GLY E 22 9.14 -28.78 -12.26
C GLY E 22 9.75 -28.62 -13.63
N PHE E 23 10.76 -27.75 -13.77
CA PHE E 23 11.39 -27.51 -15.07
C PHE E 23 12.80 -26.93 -14.97
N GLU E 24 13.55 -27.06 -16.06
CA GLU E 24 14.90 -26.54 -16.08
C GLU E 24 15.00 -25.20 -16.80
N LYS E 25 16.00 -24.42 -16.44
CA LYS E 25 16.22 -23.12 -17.04
C LYS E 25 16.36 -23.27 -18.54
N GLY E 26 15.66 -22.40 -19.28
CA GLY E 26 15.74 -22.43 -20.73
C GLY E 26 14.60 -23.18 -21.39
N GLU E 27 13.87 -23.95 -20.59
CA GLU E 27 12.76 -24.70 -21.14
C GLU E 27 11.62 -23.74 -21.52
N GLN E 28 10.83 -24.15 -22.49
CA GLN E 28 9.70 -23.35 -22.95
C GLN E 28 8.45 -24.02 -22.47
N LEU E 29 7.48 -23.22 -22.08
CA LEU E 29 6.24 -23.78 -21.58
C LEU E 29 5.07 -22.99 -22.15
N ARG E 30 3.92 -23.65 -22.22
CA ARG E 30 2.75 -22.97 -22.73
C ARG E 30 1.87 -22.64 -21.54
N ILE E 31 1.49 -21.39 -21.40
CA ILE E 31 0.66 -21.03 -20.26
C ILE E 31 -0.80 -21.38 -20.53
N LEU E 32 -1.39 -22.21 -19.68
CA LEU E 32 -2.76 -22.59 -19.85
C LEU E 32 -3.64 -21.60 -19.07
N GLU E 33 -3.52 -21.60 -17.75
CA GLU E 33 -4.29 -20.73 -16.88
C GLU E 33 -3.39 -19.83 -16.05
N GLN E 34 -3.76 -18.56 -15.94
CA GLN E 34 -2.99 -17.60 -15.15
C GLN E 34 -3.64 -17.35 -13.79
N SER E 35 -3.41 -18.27 -12.85
CA SER E 35 -4.00 -18.14 -11.52
C SER E 35 -3.23 -17.24 -10.57
N GLY E 36 -3.15 -15.95 -10.92
CA GLY E 36 -2.44 -15.01 -10.08
C GLY E 36 -0.93 -15.20 -10.02
N GLU E 37 -0.43 -15.78 -8.92
CA GLU E 37 1.00 -16.02 -8.75
C GLU E 37 1.42 -17.41 -9.21
N TRP E 38 0.48 -18.35 -9.23
CA TRP E 38 0.78 -19.71 -9.70
C TRP E 38 0.05 -19.96 -10.99
N TRP E 39 0.78 -20.02 -12.10
CA TRP E 39 0.14 -20.26 -13.39
C TRP E 39 0.09 -21.74 -13.74
N LYS E 40 -0.89 -22.11 -14.57
CA LYS E 40 -1.04 -23.50 -15.01
C LYS E 40 -0.31 -23.61 -16.36
N ALA E 41 0.68 -24.49 -16.44
CA ALA E 41 1.40 -24.60 -17.68
C ALA E 41 1.71 -26.02 -18.14
N GLN E 42 2.08 -26.12 -19.41
CA GLN E 42 2.44 -27.40 -20.02
C GLN E 42 3.84 -27.31 -20.59
N SER E 43 4.69 -28.27 -20.25
CA SER E 43 6.03 -28.24 -20.81
C SER E 43 5.96 -28.52 -22.30
N LEU E 44 6.63 -27.70 -23.09
CA LEU E 44 6.63 -27.96 -24.52
C LEU E 44 7.63 -29.08 -24.75
N THR E 45 8.37 -29.43 -23.71
CA THR E 45 9.38 -30.45 -23.88
C THR E 45 8.91 -31.84 -23.56
N THR E 46 8.24 -31.99 -22.44
CA THR E 46 7.79 -33.30 -22.03
C THR E 46 6.32 -33.52 -22.25
N GLY E 47 5.56 -32.43 -22.37
CA GLY E 47 4.12 -32.54 -22.56
C GLY E 47 3.45 -32.54 -21.20
N GLN E 48 4.25 -32.54 -20.14
CA GLN E 48 3.72 -32.54 -18.78
C GLN E 48 3.01 -31.22 -18.39
N GLU E 49 2.03 -31.30 -17.51
CA GLU E 49 1.27 -30.13 -17.10
C GLU E 49 1.30 -29.88 -15.58
N GLY E 50 1.30 -28.61 -15.18
CA GLY E 50 1.33 -28.31 -13.76
C GLY E 50 1.30 -26.84 -13.43
N PHE E 51 1.55 -26.52 -12.17
CA PHE E 51 1.57 -25.14 -11.72
C PHE E 51 2.99 -24.69 -11.56
N ILE E 52 3.22 -23.46 -11.99
CA ILE E 52 4.55 -22.91 -11.89
C ILE E 52 4.51 -21.51 -11.31
N PRO E 53 5.62 -21.04 -10.76
CA PRO E 53 5.64 -19.69 -10.20
C PRO E 53 5.80 -18.71 -11.35
N PHE E 54 4.83 -17.84 -11.50
CA PHE E 54 4.85 -16.87 -12.56
C PHE E 54 6.14 -16.07 -12.65
N ASN E 55 6.77 -15.74 -11.53
CA ASN E 55 7.98 -14.94 -11.65
C ASN E 55 9.21 -15.71 -12.11
N PHE E 56 9.08 -17.01 -12.33
CA PHE E 56 10.22 -17.79 -12.80
C PHE E 56 10.27 -17.89 -14.33
N VAL E 57 9.30 -17.29 -15.01
CA VAL E 57 9.27 -17.33 -16.46
C VAL E 57 9.07 -15.94 -17.07
N ALA E 58 9.19 -15.86 -18.40
CA ALA E 58 8.96 -14.61 -19.13
C ALA E 58 8.40 -14.95 -20.48
N LYS E 59 7.59 -14.04 -21.01
CA LYS E 59 6.97 -14.20 -22.31
C LYS E 59 7.99 -14.47 -23.39
N ALA E 60 7.79 -15.55 -24.12
CA ALA E 60 8.70 -15.91 -25.19
C ALA E 60 8.09 -15.51 -26.52
N ASN E 61 6.81 -15.10 -26.50
CA ASN E 61 6.11 -14.68 -27.73
C ASN E 61 6.91 -13.63 -28.50
N SER E 62 6.60 -13.44 -29.78
CA SER E 62 7.32 -12.46 -30.60
C SER E 62 6.90 -11.03 -30.32
N LEU E 63 7.73 -10.09 -30.73
CA LEU E 63 7.45 -8.68 -30.52
C LEU E 63 6.56 -8.08 -31.60
N GLU E 64 6.57 -8.68 -32.80
CA GLU E 64 5.78 -8.16 -33.91
C GLU E 64 4.29 -8.02 -33.62
N PRO E 65 3.61 -9.14 -33.28
CA PRO E 65 2.17 -9.12 -32.98
C PRO E 65 1.75 -8.05 -31.98
N GLU E 66 2.58 -7.80 -30.98
CA GLU E 66 2.27 -6.83 -29.94
C GLU E 66 1.80 -5.51 -30.51
N PRO E 67 0.62 -5.04 -30.08
CA PRO E 67 -0.02 -3.79 -30.51
C PRO E 67 0.82 -2.56 -30.24
N TRP E 68 1.62 -2.62 -29.21
CA TRP E 68 2.43 -1.48 -28.82
C TRP E 68 3.80 -1.46 -29.44
N PHE E 69 4.21 -2.53 -30.11
CA PHE E 69 5.54 -2.55 -30.70
C PHE E 69 5.58 -2.29 -32.19
N PHE E 70 6.48 -1.42 -32.60
CA PHE E 70 6.64 -1.08 -33.99
C PHE E 70 8.11 -1.13 -34.37
N LYS E 71 8.48 -2.18 -35.11
CA LYS E 71 9.86 -2.40 -35.52
C LYS E 71 10.55 -1.16 -36.09
N ASN E 72 10.36 -0.93 -37.39
CA ASN E 72 11.00 0.19 -38.06
C ASN E 72 10.18 1.46 -38.07
N LEU E 73 10.10 2.15 -36.94
CA LEU E 73 9.34 3.38 -36.84
C LEU E 73 10.20 4.53 -36.36
N SER E 74 10.38 5.52 -37.23
CA SER E 74 11.18 6.67 -36.89
C SER E 74 10.63 7.36 -35.63
N ARG E 75 11.45 8.22 -35.06
CA ARG E 75 11.06 8.96 -33.88
C ARG E 75 10.11 10.09 -34.24
N LYS E 76 10.25 10.62 -35.46
CA LYS E 76 9.37 11.71 -35.88
C LYS E 76 8.00 11.12 -36.19
N ASP E 77 7.98 9.96 -36.83
CA ASP E 77 6.70 9.33 -37.14
C ASP E 77 5.99 8.88 -35.87
N ALA E 78 6.75 8.59 -34.83
CA ALA E 78 6.14 8.17 -33.58
C ALA E 78 5.39 9.38 -33.01
N GLU E 79 6.02 10.53 -33.00
CA GLU E 79 5.38 11.73 -32.49
C GLU E 79 4.17 12.11 -33.34
N ARG E 80 4.29 12.02 -34.65
CA ARG E 80 3.18 12.35 -35.54
C ARG E 80 2.10 11.28 -35.39
N GLN E 81 2.48 10.02 -35.57
CA GLN E 81 1.54 8.93 -35.44
C GLN E 81 0.84 8.92 -34.07
N LEU E 82 1.46 9.54 -33.07
CA LEU E 82 0.88 9.55 -31.71
C LEU E 82 -0.10 10.66 -31.38
N LEU E 83 0.18 11.86 -31.87
CA LEU E 83 -0.67 13.02 -31.63
C LEU E 83 -1.85 13.03 -32.63
N ALA E 84 -1.92 11.98 -33.44
CA ALA E 84 -2.98 11.83 -34.43
C ALA E 84 -4.28 11.46 -33.74
N PRO E 85 -5.42 11.55 -34.46
CA PRO E 85 -6.71 11.21 -33.87
C PRO E 85 -6.80 9.73 -33.55
N GLY E 86 -7.52 9.42 -32.48
CA GLY E 86 -7.70 8.04 -32.03
C GLY E 86 -6.81 7.72 -30.85
N ASN E 87 -5.94 8.66 -30.50
CA ASN E 87 -5.02 8.46 -29.39
C ASN E 87 -5.11 9.59 -28.37
N THR E 88 -4.84 9.31 -27.09
CA THR E 88 -4.87 10.37 -26.07
C THR E 88 -3.84 10.18 -24.98
N HIS E 89 -4.02 10.93 -23.91
CA HIS E 89 -3.12 10.85 -22.78
C HIS E 89 -3.01 9.40 -22.37
N GLY E 90 -1.79 8.87 -22.44
CA GLY E 90 -1.56 7.50 -22.06
C GLY E 90 -1.21 6.62 -23.26
N SER E 91 -1.44 7.11 -24.47
CA SER E 91 -1.11 6.33 -25.64
C SER E 91 0.40 6.22 -25.71
N PHE E 92 0.87 5.06 -26.12
CA PHE E 92 2.29 4.82 -26.17
C PHE E 92 2.62 3.80 -27.24
N LEU E 93 3.92 3.54 -27.36
CA LEU E 93 4.43 2.55 -28.31
C LEU E 93 5.92 2.47 -28.04
N ILE E 94 6.49 1.36 -28.49
CA ILE E 94 7.91 1.13 -28.37
C ILE E 94 8.45 0.88 -29.77
N ARG E 95 9.63 1.45 -30.01
CA ARG E 95 10.32 1.33 -31.28
C ARG E 95 11.80 1.20 -30.93
N GLU E 96 12.61 0.84 -31.92
CA GLU E 96 14.03 0.70 -31.70
C GLU E 96 14.70 2.05 -31.55
N SER E 97 15.61 2.17 -30.58
CA SER E 97 16.32 3.43 -30.34
C SER E 97 17.07 3.89 -31.58
N GLU E 98 16.73 5.07 -32.06
CA GLU E 98 17.38 5.60 -33.26
C GLU E 98 18.67 6.30 -32.88
N SER E 99 18.87 6.52 -31.59
CA SER E 99 20.07 7.19 -31.11
C SER E 99 21.07 6.21 -30.51
N THR E 100 20.60 5.04 -30.09
CA THR E 100 21.49 4.03 -29.50
C THR E 100 21.39 2.71 -30.25
N ALA E 101 22.51 1.99 -30.31
CA ALA E 101 22.54 0.70 -31.02
C ALA E 101 21.95 -0.40 -30.13
N GLY E 102 21.29 -1.36 -30.78
CA GLY E 102 20.68 -2.48 -30.08
C GLY E 102 19.73 -2.11 -28.95
N SER E 103 19.12 -0.93 -29.01
CA SER E 103 18.20 -0.54 -27.94
C SER E 103 16.78 -0.21 -28.36
N PHE E 104 15.96 0.08 -27.36
CA PHE E 104 14.59 0.41 -27.60
C PHE E 104 14.25 1.73 -26.96
N SER E 105 13.21 2.38 -27.48
CA SER E 105 12.77 3.64 -26.92
C SER E 105 11.27 3.57 -26.70
N LEU E 106 10.83 4.20 -25.62
CA LEU E 106 9.44 4.27 -25.23
C LEU E 106 8.91 5.68 -25.50
N SER E 107 7.82 5.72 -26.25
CA SER E 107 7.19 6.98 -26.60
C SER E 107 5.75 6.95 -26.15
N VAL E 108 5.38 7.93 -25.36
CA VAL E 108 4.03 8.01 -24.83
C VAL E 108 3.55 9.44 -24.88
N ARG E 109 2.26 9.62 -25.14
CA ARG E 109 1.68 10.96 -25.21
C ARG E 109 1.21 11.38 -23.83
N ASP E 110 1.69 12.54 -23.35
CA ASP E 110 1.30 13.04 -22.04
C ASP E 110 0.63 14.40 -22.23
N PHE E 111 0.65 15.22 -21.18
CA PHE E 111 0.05 16.53 -21.25
C PHE E 111 0.73 17.48 -20.28
N ASP E 112 1.03 18.69 -20.76
CA ASP E 112 1.67 19.69 -19.95
C ASP E 112 0.77 20.92 -19.86
N GLN E 113 0.91 21.69 -18.78
CA GLN E 113 0.09 22.88 -18.59
C GLN E 113 0.29 23.90 -19.70
N ASN E 114 1.49 24.42 -19.82
CA ASN E 114 1.78 25.43 -20.82
C ASN E 114 2.24 24.86 -22.15
N GLN E 115 2.21 23.54 -22.29
CA GLN E 115 2.65 22.91 -23.54
C GLN E 115 1.55 22.11 -24.21
N GLY E 116 0.55 21.71 -23.44
CA GLY E 116 -0.54 20.94 -23.99
C GLY E 116 -0.18 19.47 -24.19
N GLU E 117 -0.85 18.82 -25.14
CA GLU E 117 -0.56 17.42 -25.39
C GLU E 117 0.82 17.28 -26.01
N VAL E 118 1.75 16.71 -25.24
CA VAL E 118 3.12 16.51 -25.69
C VAL E 118 3.46 15.03 -25.83
N VAL E 119 4.66 14.75 -26.33
CA VAL E 119 5.10 13.38 -26.50
C VAL E 119 6.46 13.11 -25.87
N LYS E 120 6.43 12.42 -24.73
CA LYS E 120 7.66 12.08 -24.00
C LYS E 120 8.32 10.80 -24.49
N HIS E 121 9.63 10.78 -24.38
CA HIS E 121 10.44 9.64 -24.80
C HIS E 121 11.34 9.15 -23.67
N TYR E 122 11.33 7.84 -23.48
CA TYR E 122 12.15 7.22 -22.47
C TYR E 122 12.96 6.13 -23.13
N LYS E 123 14.24 6.03 -22.80
CA LYS E 123 15.04 4.97 -23.43
C LYS E 123 15.10 3.75 -22.52
N ILE E 124 14.97 2.59 -23.14
CA ILE E 124 15.01 1.35 -22.42
C ILE E 124 16.40 0.79 -22.52
N ARG E 125 17.11 0.85 -21.41
CA ARG E 125 18.46 0.36 -21.38
C ARG E 125 18.43 -1.15 -21.30
N ASN E 126 19.50 -1.77 -21.81
CA ASN E 126 19.64 -3.22 -21.80
C ASN E 126 20.43 -3.65 -20.58
N LEU E 127 19.97 -4.72 -19.96
CA LEU E 127 20.60 -5.27 -18.78
C LEU E 127 21.59 -6.34 -19.22
N ASP E 128 22.68 -6.50 -18.46
CA ASP E 128 23.69 -7.49 -18.79
C ASP E 128 23.16 -8.84 -19.27
N ASN E 129 22.32 -9.46 -18.46
CA ASN E 129 21.77 -10.77 -18.82
C ASN E 129 20.65 -10.69 -19.86
N GLY E 130 20.45 -9.53 -20.46
CA GLY E 130 19.42 -9.40 -21.48
C GLY E 130 18.13 -8.74 -21.05
N GLY E 131 17.99 -8.42 -19.76
CA GLY E 131 16.78 -7.77 -19.29
C GLY E 131 16.65 -6.34 -19.78
N PHE E 132 15.71 -5.61 -19.19
CA PHE E 132 15.46 -4.24 -19.58
C PHE E 132 15.06 -3.41 -18.36
N TYR E 133 15.15 -2.09 -18.52
CA TYR E 133 14.74 -1.14 -17.48
C TYR E 133 14.73 0.27 -18.04
N ILE E 134 13.84 1.08 -17.47
CA ILE E 134 13.73 2.47 -17.84
C ILE E 134 14.39 3.14 -16.65
N SER E 135 14.10 2.56 -15.49
CA SER E 135 14.63 3.02 -14.22
C SER E 135 15.36 1.90 -13.52
N PRO E 136 16.60 2.14 -13.09
CA PRO E 136 17.39 1.10 -12.40
C PRO E 136 16.62 0.52 -11.22
N ARG E 137 15.63 1.28 -10.78
CA ARG E 137 14.77 0.89 -9.67
C ARG E 137 14.15 -0.49 -9.92
N ILE E 138 13.51 -0.67 -11.07
CA ILE E 138 12.91 -1.95 -11.42
C ILE E 138 13.45 -2.43 -12.74
N THR E 139 13.81 -3.71 -12.80
CA THR E 139 14.32 -4.28 -14.03
C THR E 139 13.36 -5.38 -14.49
N PHE E 140 13.40 -5.68 -15.79
CA PHE E 140 12.51 -6.69 -16.34
C PHE E 140 13.25 -7.69 -17.20
N PRO E 141 12.77 -8.94 -17.22
CA PRO E 141 13.37 -10.02 -18.01
C PRO E 141 13.11 -9.77 -19.47
N GLY E 142 12.03 -9.08 -19.78
CA GLY E 142 11.72 -8.83 -21.18
C GLY E 142 10.86 -7.59 -21.36
N LEU E 143 10.70 -7.16 -22.59
CA LEU E 143 9.92 -5.98 -22.87
C LEU E 143 8.45 -6.14 -22.53
N HIS E 144 7.92 -7.34 -22.71
CA HIS E 144 6.52 -7.60 -22.39
C HIS E 144 6.28 -7.32 -20.92
N GLU E 145 7.19 -7.80 -20.09
CA GLU E 145 7.08 -7.63 -18.65
C GLU E 145 7.19 -6.13 -18.32
N LEU E 146 8.03 -5.42 -19.07
CA LEU E 146 8.20 -4.00 -18.83
C LEU E 146 6.92 -3.22 -19.14
N VAL E 147 6.33 -3.46 -20.31
CA VAL E 147 5.09 -2.79 -20.67
C VAL E 147 4.00 -3.10 -19.65
N ARG E 148 3.86 -4.37 -19.30
CA ARG E 148 2.86 -4.80 -18.33
C ARG E 148 2.98 -4.01 -17.02
N HIS E 149 4.18 -3.94 -16.48
CA HIS E 149 4.36 -3.20 -15.28
C HIS E 149 3.87 -1.75 -15.36
N TYR E 150 4.40 -1.00 -16.32
CA TYR E 150 4.00 0.41 -16.44
C TYR E 150 2.57 0.72 -16.86
N THR E 151 1.88 -0.25 -17.47
CA THR E 151 0.50 0.04 -17.83
C THR E 151 -0.33 -0.17 -16.58
N ASN E 152 0.24 -0.87 -15.59
CA ASN E 152 -0.48 -1.10 -14.35
C ASN E 152 -0.01 -0.22 -13.20
N ALA E 153 0.82 0.78 -13.48
CA ALA E 153 1.31 1.70 -12.44
C ALA E 153 2.30 2.69 -13.03
N SER E 154 2.09 3.96 -12.71
CA SER E 154 2.97 5.03 -13.17
C SER E 154 4.17 5.02 -12.25
N ASP E 155 4.85 3.88 -12.19
CA ASP E 155 6.00 3.71 -11.32
C ASP E 155 7.22 4.47 -11.86
N GLY E 156 7.08 5.79 -11.91
CA GLY E 156 8.17 6.62 -12.40
C GLY E 156 7.79 7.49 -13.57
N LEU E 157 7.13 6.90 -14.57
CA LEU E 157 6.74 7.68 -15.73
C LEU E 157 5.69 8.67 -15.26
N CYS E 158 5.46 9.69 -16.07
CA CYS E 158 4.49 10.71 -15.74
C CYS E 158 3.05 10.17 -15.81
N THR E 159 2.85 9.10 -16.55
CA THR E 159 1.53 8.49 -16.68
C THR E 159 1.62 7.00 -16.94
N ARG E 160 0.57 6.27 -16.59
CA ARG E 160 0.55 4.82 -16.82
C ARG E 160 0.33 4.60 -18.31
N LEU E 161 1.02 3.63 -18.88
CA LEU E 161 0.87 3.31 -20.29
C LEU E 161 -0.54 2.78 -20.51
N SER E 162 -1.44 3.68 -20.90
CA SER E 162 -2.84 3.34 -21.09
C SER E 162 -3.25 2.55 -22.32
N ARG E 163 -2.96 3.07 -23.51
CA ARG E 163 -3.37 2.37 -24.72
C ARG E 163 -2.29 2.39 -25.77
N PRO E 164 -2.11 1.27 -26.45
CA PRO E 164 -1.09 1.22 -27.50
C PRO E 164 -1.51 2.02 -28.72
N CYS E 165 -0.60 2.87 -29.22
CA CYS E 165 -0.89 3.69 -30.39
C CYS E 165 -1.80 3.01 -31.41
N GLN E 166 -2.72 3.77 -31.99
CA GLN E 166 -3.64 3.24 -32.99
C GLN E 166 -3.29 3.82 -34.36
N THR E 167 -3.16 2.95 -35.36
CA THR E 167 -2.82 3.38 -36.71
C THR E 167 -3.84 4.40 -37.22
N ASN F 5 27.01 5.26 16.08
CA ASN F 5 25.57 5.64 16.13
C ASN F 5 25.02 5.79 17.56
N LEU F 6 24.75 7.03 17.96
CA LEU F 6 24.21 7.34 19.26
C LEU F 6 22.74 7.73 19.11
N VAL F 7 21.93 7.43 20.13
CA VAL F 7 20.53 7.76 20.08
C VAL F 7 20.04 8.15 21.46
N ILE F 8 18.93 8.90 21.50
CA ILE F 8 18.34 9.33 22.75
C ILE F 8 16.94 8.74 22.80
N ALA F 9 16.45 8.46 24.01
CA ALA F 9 15.12 7.90 24.17
C ALA F 9 14.06 9.02 24.16
N LEU F 10 13.04 8.88 23.31
CA LEU F 10 11.96 9.87 23.22
C LEU F 10 10.87 9.57 24.25
N HIS F 11 10.78 8.30 24.64
CA HIS F 11 9.82 7.83 25.65
C HIS F 11 10.54 6.79 26.51
N SER F 12 9.85 6.22 27.48
CA SER F 12 10.46 5.18 28.29
C SER F 12 9.91 3.90 27.73
N TYR F 13 10.72 2.86 27.75
CA TYR F 13 10.27 1.59 27.25
C TYR F 13 10.49 0.56 28.34
N GLU F 14 9.42 -0.18 28.65
CA GLU F 14 9.49 -1.25 29.64
C GLU F 14 9.52 -2.55 28.86
N PRO F 15 10.44 -3.45 29.24
CA PRO F 15 10.61 -4.76 28.60
C PRO F 15 9.36 -5.66 28.64
N SER F 16 9.06 -6.33 27.54
CA SER F 16 7.92 -7.24 27.51
C SER F 16 8.31 -8.50 26.77
N HIS F 17 9.45 -8.41 26.08
CA HIS F 17 10.00 -9.54 25.32
C HIS F 17 11.35 -9.86 25.92
N ASP F 18 11.84 -11.07 25.65
CA ASP F 18 13.14 -11.46 26.15
C ASP F 18 14.18 -10.71 25.35
N GLY F 19 15.39 -10.63 25.88
CA GLY F 19 16.44 -9.92 25.18
C GLY F 19 16.05 -8.48 24.91
N ASP F 20 15.01 -7.98 25.59
CA ASP F 20 14.59 -6.60 25.42
C ASP F 20 15.34 -5.69 26.39
N LEU F 21 15.81 -4.54 25.92
CA LEU F 21 16.51 -3.60 26.80
C LEU F 21 15.58 -2.48 27.18
N GLY F 22 15.34 -2.30 28.48
CA GLY F 22 14.45 -1.24 28.92
C GLY F 22 15.21 0.06 29.12
N PHE F 23 14.54 1.20 29.03
CA PHE F 23 15.22 2.47 29.24
C PHE F 23 14.25 3.54 29.62
N GLU F 24 14.77 4.70 29.99
CA GLU F 24 13.93 5.78 30.41
C GLU F 24 14.05 6.96 29.44
N LYS F 25 12.99 7.74 29.34
CA LYS F 25 12.95 8.91 28.46
C LYS F 25 14.19 9.75 28.69
N GLY F 26 14.83 10.16 27.60
CA GLY F 26 16.02 10.97 27.69
C GLY F 26 17.31 10.19 27.83
N GLU F 27 17.20 8.88 28.00
CA GLU F 27 18.40 8.08 28.15
C GLU F 27 19.10 7.89 26.80
N GLN F 28 20.43 7.95 26.80
CA GLN F 28 21.20 7.77 25.58
C GLN F 28 21.56 6.28 25.44
N LEU F 29 21.55 5.81 24.20
CA LEU F 29 21.85 4.42 23.91
C LEU F 29 22.81 4.30 22.76
N ARG F 30 23.48 3.17 22.67
CA ARG F 30 24.42 2.93 21.60
C ARG F 30 23.84 1.83 20.72
N ILE F 31 23.69 2.14 19.44
CA ILE F 31 23.15 1.15 18.52
C ILE F 31 24.22 0.21 18.02
N LEU F 32 24.03 -1.09 18.28
CA LEU F 32 24.97 -2.13 17.86
C LEU F 32 24.53 -2.74 16.54
N GLU F 33 23.27 -3.17 16.48
CA GLU F 33 22.70 -3.78 15.29
C GLU F 33 21.42 -3.05 14.87
N GLN F 34 20.99 -3.26 13.62
CA GLN F 34 19.75 -2.64 13.09
C GLN F 34 18.87 -3.66 12.36
N SER F 35 18.06 -4.38 13.13
CA SER F 35 17.17 -5.41 12.61
C SER F 35 15.79 -4.85 12.26
N GLY F 36 15.77 -3.97 11.25
CA GLY F 36 14.51 -3.38 10.83
C GLY F 36 13.82 -2.68 11.97
N GLU F 37 12.79 -3.31 12.51
CA GLU F 37 11.96 -2.78 13.59
C GLU F 37 12.63 -2.76 14.98
N TRP F 38 13.42 -3.79 15.28
CA TRP F 38 14.12 -3.88 16.56
C TRP F 38 15.60 -3.66 16.38
N TRP F 39 16.19 -2.84 17.25
CA TRP F 39 17.61 -2.57 17.18
C TRP F 39 18.29 -2.97 18.46
N LYS F 40 19.39 -3.70 18.32
CA LYS F 40 20.19 -4.14 19.45
C LYS F 40 20.94 -2.90 19.93
N ALA F 41 20.68 -2.48 21.16
CA ALA F 41 21.34 -1.30 21.71
C ALA F 41 22.08 -1.57 23.02
N GLN F 42 22.92 -0.61 23.40
CA GLN F 42 23.68 -0.69 24.62
C GLN F 42 23.53 0.62 25.40
N SER F 43 23.11 0.50 26.65
CA SER F 43 22.92 1.66 27.50
C SER F 43 24.23 2.33 27.86
N LEU F 44 24.20 3.66 27.95
CA LEU F 44 25.39 4.42 28.33
C LEU F 44 25.24 4.71 29.82
N THR F 45 24.02 4.63 30.30
CA THR F 45 23.77 4.88 31.70
C THR F 45 24.10 3.60 32.47
N THR F 46 23.46 2.50 32.09
CA THR F 46 23.66 1.22 32.76
C THR F 46 24.75 0.34 32.16
N GLY F 47 24.80 0.25 30.84
CA GLY F 47 25.81 -0.61 30.21
C GLY F 47 25.17 -1.92 29.82
N GLN F 48 23.87 -2.05 30.10
CA GLN F 48 23.08 -3.23 29.78
C GLN F 48 22.81 -3.26 28.27
N GLU F 49 22.50 -4.44 27.74
CA GLU F 49 22.27 -4.60 26.32
C GLU F 49 21.02 -5.40 25.97
N GLY F 50 20.35 -4.98 24.90
CA GLY F 50 19.15 -5.68 24.46
C GLY F 50 18.50 -5.05 23.24
N PHE F 51 17.34 -5.55 22.90
CA PHE F 51 16.63 -5.04 21.74
C PHE F 51 15.65 -3.93 22.10
N ILE F 52 15.72 -2.83 21.35
CA ILE F 52 14.81 -1.72 21.57
C ILE F 52 14.02 -1.44 20.31
N PRO F 53 12.85 -0.79 20.45
CA PRO F 53 11.95 -0.42 19.34
C PRO F 53 12.42 0.89 18.71
N PHE F 54 12.82 0.84 17.44
CA PHE F 54 13.36 2.00 16.73
C PHE F 54 12.59 3.33 16.77
N ASN F 55 11.27 3.33 16.88
CA ASN F 55 10.59 4.61 16.92
C ASN F 55 10.54 5.25 18.31
N PHE F 56 11.15 4.60 19.29
CA PHE F 56 11.16 5.17 20.62
C PHE F 56 12.41 6.00 20.80
N VAL F 57 13.27 5.99 19.79
CA VAL F 57 14.50 6.77 19.88
C VAL F 57 14.76 7.59 18.62
N ALA F 58 15.73 8.50 18.71
CA ALA F 58 16.12 9.35 17.59
C ALA F 58 17.64 9.61 17.66
N LYS F 59 18.26 9.80 16.50
CA LYS F 59 19.70 10.04 16.43
C LYS F 59 20.21 11.16 17.33
N ALA F 60 21.18 10.80 18.17
CA ALA F 60 21.77 11.75 19.10
C ALA F 60 23.11 12.27 18.61
N ASN F 61 23.55 11.77 17.45
CA ASN F 61 24.82 12.21 16.87
C ASN F 61 24.72 13.68 16.49
N SER F 62 25.87 14.32 16.29
CA SER F 62 25.87 15.71 15.91
C SER F 62 25.52 15.83 14.43
N LEU F 63 24.95 16.97 14.07
CA LEU F 63 24.53 17.25 12.71
C LEU F 63 25.68 17.61 11.75
N GLU F 64 26.70 18.30 12.28
CA GLU F 64 27.84 18.72 11.47
C GLU F 64 28.29 17.66 10.45
N PRO F 65 28.67 16.46 10.91
CA PRO F 65 29.13 15.33 10.08
C PRO F 65 28.14 14.89 8.99
N GLU F 66 26.84 14.91 9.26
CA GLU F 66 25.87 14.47 8.27
C GLU F 66 26.21 14.98 6.85
N PRO F 67 26.15 14.08 5.85
CA PRO F 67 26.46 14.44 4.46
C PRO F 67 25.52 15.46 3.81
N TRP F 68 24.32 15.61 4.37
CA TRP F 68 23.34 16.55 3.83
C TRP F 68 23.24 17.86 4.64
N PHE F 69 23.92 17.96 5.78
CA PHE F 69 23.83 19.19 6.56
C PHE F 69 25.00 20.13 6.25
N PHE F 70 24.75 21.44 6.29
CA PHE F 70 25.80 22.39 6.00
C PHE F 70 25.51 23.71 6.68
N LYS F 71 26.16 23.92 7.82
CA LYS F 71 25.96 25.12 8.63
C LYS F 71 25.99 26.46 7.89
N ASN F 72 27.17 27.05 7.82
CA ASN F 72 27.35 28.33 7.16
C ASN F 72 27.15 28.23 5.66
N LEU F 73 25.91 28.07 5.20
CA LEU F 73 25.67 27.99 3.76
C LEU F 73 24.49 28.86 3.39
N SER F 74 24.75 29.96 2.70
CA SER F 74 23.67 30.85 2.32
C SER F 74 22.77 30.22 1.28
N ARG F 75 21.57 30.77 1.17
CA ARG F 75 20.60 30.31 0.20
C ARG F 75 21.18 30.35 -1.20
N LYS F 76 21.90 31.42 -1.54
CA LYS F 76 22.47 31.48 -2.88
C LYS F 76 23.55 30.41 -3.06
N ASP F 77 24.40 30.26 -2.06
CA ASP F 77 25.47 29.27 -2.12
C ASP F 77 24.90 27.89 -2.29
N ALA F 78 23.80 27.62 -1.58
CA ALA F 78 23.13 26.35 -1.65
C ALA F 78 22.64 26.11 -3.08
N GLU F 79 22.01 27.13 -3.68
CA GLU F 79 21.51 27.03 -5.04
C GLU F 79 22.64 26.87 -6.04
N ARG F 80 23.68 27.66 -5.85
CA ARG F 80 24.84 27.64 -6.70
C ARG F 80 25.52 26.27 -6.56
N GLN F 81 25.45 25.74 -5.35
CA GLN F 81 26.03 24.45 -5.04
C GLN F 81 25.26 23.28 -5.64
N LEU F 82 23.93 23.28 -5.45
CA LEU F 82 23.09 22.21 -5.98
C LEU F 82 23.05 22.18 -7.50
N LEU F 83 23.28 23.32 -8.11
CA LEU F 83 23.26 23.41 -9.57
C LEU F 83 24.61 23.05 -10.15
N ALA F 84 25.61 22.93 -9.30
CA ALA F 84 26.97 22.59 -9.73
C ALA F 84 27.04 21.15 -10.24
N PRO F 85 27.85 20.91 -11.27
CA PRO F 85 28.02 19.58 -11.87
C PRO F 85 28.29 18.50 -10.85
N GLY F 86 27.82 17.29 -11.14
CA GLY F 86 28.01 16.20 -10.22
C GLY F 86 26.77 16.02 -9.34
N ASN F 87 25.72 16.78 -9.64
CA ASN F 87 24.46 16.69 -8.89
C ASN F 87 23.32 16.59 -9.91
N THR F 88 22.15 16.13 -9.48
CA THR F 88 21.00 16.03 -10.39
C THR F 88 19.72 16.27 -9.65
N HIS F 89 18.69 15.67 -10.21
CA HIS F 89 17.35 15.76 -9.66
C HIS F 89 17.29 14.96 -8.39
N GLY F 90 16.98 15.64 -7.29
CA GLY F 90 16.89 14.94 -6.04
C GLY F 90 18.07 15.25 -5.14
N SER F 91 19.11 15.88 -5.71
CA SER F 91 20.26 16.29 -4.92
C SER F 91 19.66 17.35 -4.00
N PHE F 92 20.05 17.35 -2.73
CA PHE F 92 19.47 18.29 -1.74
C PHE F 92 20.45 18.58 -0.59
N LEU F 93 20.01 19.40 0.36
CA LEU F 93 20.82 19.70 1.54
C LEU F 93 20.02 20.54 2.48
N ILE F 94 20.44 20.54 3.74
CA ILE F 94 19.78 21.34 4.76
C ILE F 94 20.78 22.37 5.29
N ARG F 95 20.37 23.63 5.30
CA ARG F 95 21.20 24.71 5.81
C ARG F 95 20.43 25.47 6.85
N GLU F 96 21.07 26.46 7.46
CA GLU F 96 20.42 27.29 8.47
C GLU F 96 19.60 28.29 7.66
N SER F 97 18.42 28.63 8.16
CA SER F 97 17.54 29.58 7.47
C SER F 97 18.04 31.02 7.57
N GLU F 98 17.95 31.74 6.45
CA GLU F 98 18.35 33.13 6.38
C GLU F 98 17.17 33.97 6.89
N SER F 99 15.97 33.50 6.59
CA SER F 99 14.73 34.19 6.97
C SER F 99 14.22 33.89 8.37
N THR F 100 14.81 32.90 9.03
CA THR F 100 14.35 32.55 10.36
C THR F 100 15.49 32.08 11.24
N ALA F 101 15.90 32.91 12.19
CA ALA F 101 16.98 32.53 13.09
C ALA F 101 16.50 31.43 14.03
N GLY F 102 17.14 30.28 13.96
CA GLY F 102 16.74 29.16 14.82
C GLY F 102 16.02 28.10 14.03
N SER F 103 15.90 28.33 12.72
CA SER F 103 15.24 27.38 11.85
C SER F 103 16.22 26.87 10.81
N PHE F 104 15.77 25.86 10.06
CA PHE F 104 16.56 25.28 9.01
C PHE F 104 15.74 25.36 7.74
N SER F 105 16.37 25.07 6.62
CA SER F 105 15.67 25.10 5.36
C SER F 105 16.16 23.92 4.55
N LEU F 106 15.24 23.39 3.75
CA LEU F 106 15.56 22.26 2.92
C LEU F 106 15.68 22.78 1.51
N SER F 107 16.81 22.50 0.87
CA SER F 107 17.05 22.89 -0.50
C SER F 107 17.21 21.60 -1.30
N VAL F 108 16.51 21.51 -2.42
CA VAL F 108 16.57 20.34 -3.27
C VAL F 108 16.54 20.67 -4.74
N ARG F 109 17.41 20.03 -5.52
CA ARG F 109 17.44 20.28 -6.95
C ARG F 109 16.35 19.51 -7.68
N ASP F 110 15.58 20.21 -8.48
CA ASP F 110 14.51 19.57 -9.24
C ASP F 110 14.62 19.97 -10.70
N PHE F 111 13.79 19.36 -11.56
CA PHE F 111 13.83 19.71 -12.98
C PHE F 111 12.45 20.09 -13.53
N ASP F 112 12.37 21.26 -14.16
CA ASP F 112 11.14 21.78 -14.76
C ASP F 112 11.19 21.67 -16.29
N GLN F 113 10.05 21.87 -16.94
CA GLN F 113 9.97 21.79 -18.40
C GLN F 113 10.28 23.11 -19.08
N ASN F 114 10.01 24.21 -18.37
CA ASN F 114 10.23 25.54 -18.92
C ASN F 114 11.57 26.17 -18.58
N GLN F 115 12.13 25.82 -17.43
CA GLN F 115 13.41 26.39 -17.00
C GLN F 115 14.38 25.30 -16.59
N GLY F 116 14.05 24.08 -16.97
CA GLY F 116 14.89 22.94 -16.65
C GLY F 116 15.32 22.85 -15.20
N GLU F 117 16.63 22.82 -15.00
CA GLU F 117 17.24 22.74 -13.68
C GLU F 117 16.77 23.85 -12.77
N VAL F 118 16.16 23.48 -11.67
CA VAL F 118 15.66 24.45 -10.72
C VAL F 118 16.05 24.01 -9.31
N VAL F 119 15.96 24.91 -8.35
CA VAL F 119 16.27 24.61 -6.96
C VAL F 119 15.14 25.08 -6.07
N LYS F 120 14.40 24.13 -5.52
CA LYS F 120 13.28 24.44 -4.63
C LYS F 120 13.77 24.59 -3.20
N HIS F 121 13.07 25.43 -2.44
CA HIS F 121 13.40 25.72 -1.05
C HIS F 121 12.19 25.54 -0.16
N TYR F 122 12.32 24.67 0.82
CA TYR F 122 11.22 24.42 1.72
C TYR F 122 11.62 24.84 3.11
N LYS F 123 10.72 25.56 3.76
CA LYS F 123 10.97 26.01 5.10
C LYS F 123 10.73 24.82 6.01
N ILE F 124 11.64 24.60 6.96
CA ILE F 124 11.54 23.52 7.91
C ILE F 124 11.14 24.14 9.23
N ARG F 125 9.89 23.90 9.63
CA ARG F 125 9.38 24.46 10.88
C ARG F 125 9.82 23.69 12.11
N ASN F 126 9.77 24.36 13.26
CA ASN F 126 10.14 23.74 14.54
C ASN F 126 8.92 23.32 15.35
N LEU F 127 9.14 22.44 16.31
CA LEU F 127 8.05 21.97 17.15
C LEU F 127 8.34 22.34 18.60
N ASP F 128 7.30 22.32 19.43
CA ASP F 128 7.40 22.66 20.84
C ASP F 128 8.51 21.93 21.59
N ASN F 129 8.24 20.73 22.09
CA ASN F 129 9.27 19.97 22.83
C ASN F 129 10.26 19.37 21.84
N GLY F 130 10.79 20.22 20.97
CA GLY F 130 11.72 19.77 19.97
C GLY F 130 10.91 19.17 18.84
N GLY F 131 11.55 18.91 17.71
CA GLY F 131 10.84 18.35 16.59
C GLY F 131 10.89 19.31 15.42
N PHE F 132 10.65 18.78 14.23
CA PHE F 132 10.67 19.58 13.01
C PHE F 132 9.59 19.01 12.09
N TYR F 133 9.24 19.78 11.06
CA TYR F 133 8.27 19.34 10.05
C TYR F 133 8.19 20.31 8.92
N ILE F 134 7.89 19.78 7.74
CA ILE F 134 7.74 20.57 6.52
C ILE F 134 6.26 20.65 6.26
N SER F 135 5.57 19.56 6.58
CA SER F 135 4.13 19.47 6.39
C SER F 135 3.54 19.00 7.70
N PRO F 136 2.50 19.71 8.19
CA PRO F 136 1.87 19.34 9.46
C PRO F 136 1.25 17.95 9.38
N ARG F 137 1.46 17.28 8.25
CA ARG F 137 0.95 15.94 8.08
C ARG F 137 1.91 14.91 8.70
N ILE F 138 3.19 15.25 8.78
CA ILE F 138 4.17 14.35 9.36
C ILE F 138 5.14 15.15 10.25
N THR F 139 5.34 14.72 11.49
CA THR F 139 6.28 15.44 12.31
C THR F 139 7.49 14.52 12.49
N PHE F 140 8.58 15.08 13.02
CA PHE F 140 9.80 14.30 13.23
C PHE F 140 10.56 14.72 14.47
N PRO F 141 11.13 13.75 15.18
CA PRO F 141 11.89 14.04 16.39
C PRO F 141 13.16 14.86 16.12
N GLY F 142 13.70 14.72 14.91
CA GLY F 142 14.88 15.47 14.53
C GLY F 142 15.08 15.45 13.02
N LEU F 143 16.05 16.23 12.54
CA LEU F 143 16.32 16.32 11.11
C LEU F 143 16.74 15.00 10.50
N HIS F 144 17.38 14.15 11.30
CA HIS F 144 17.82 12.87 10.76
C HIS F 144 16.59 12.10 10.29
N GLU F 145 15.65 11.91 11.22
CA GLU F 145 14.42 11.19 10.93
C GLU F 145 13.65 11.84 9.75
N LEU F 146 13.67 13.16 9.70
CA LEU F 146 12.99 13.87 8.64
C LEU F 146 13.57 13.49 7.28
N VAL F 147 14.89 13.53 7.15
CA VAL F 147 15.58 13.20 5.90
C VAL F 147 15.39 11.74 5.52
N ARG F 148 15.45 10.87 6.52
CA ARG F 148 15.27 9.44 6.30
C ARG F 148 13.91 9.23 5.64
N HIS F 149 12.91 9.88 6.18
CA HIS F 149 11.55 9.79 5.66
C HIS F 149 11.40 10.32 4.25
N TYR F 150 11.85 11.55 4.00
CA TYR F 150 11.71 12.11 2.67
C TYR F 150 12.68 11.54 1.63
N THR F 151 13.49 10.57 2.01
CA THR F 151 14.37 9.95 1.02
C THR F 151 13.72 8.67 0.54
N ASN F 152 12.91 8.08 1.41
CA ASN F 152 12.21 6.85 1.08
C ASN F 152 10.79 7.14 0.63
N ALA F 153 10.39 8.40 0.65
CA ALA F 153 9.04 8.79 0.23
C ALA F 153 8.91 10.30 0.20
N SER F 154 8.46 10.83 -0.92
CA SER F 154 8.32 12.28 -1.05
C SER F 154 6.86 12.68 -1.05
N ASP F 155 6.28 12.88 0.13
CA ASP F 155 4.88 13.27 0.21
C ASP F 155 4.72 14.78 0.27
N GLY F 156 4.83 15.41 -0.89
CA GLY F 156 4.69 16.85 -0.97
C GLY F 156 5.83 17.47 -1.74
N LEU F 157 7.04 16.98 -1.50
CA LEU F 157 8.20 17.50 -2.20
C LEU F 157 8.01 17.10 -3.65
N CYS F 158 8.51 17.93 -4.56
CA CYS F 158 8.38 17.63 -5.98
C CYS F 158 9.36 16.56 -6.44
N THR F 159 10.05 15.94 -5.47
CA THR F 159 11.01 14.86 -5.71
C THR F 159 11.44 14.28 -4.40
N ARG F 160 11.85 13.01 -4.43
CA ARG F 160 12.33 12.32 -3.24
C ARG F 160 13.80 12.74 -3.07
N LEU F 161 14.22 13.00 -1.83
CA LEU F 161 15.60 13.40 -1.56
C LEU F 161 16.51 12.20 -1.86
N SER F 162 16.89 12.06 -3.12
CA SER F 162 17.70 10.95 -3.57
C SER F 162 19.16 10.95 -3.16
N ARG F 163 19.80 12.10 -3.08
CA ARG F 163 21.20 12.07 -2.75
C ARG F 163 21.64 13.44 -2.33
N PRO F 164 22.37 13.52 -1.19
CA PRO F 164 22.85 14.81 -0.67
C PRO F 164 23.81 15.53 -1.60
N CYS F 165 23.77 16.86 -1.58
CA CYS F 165 24.61 17.70 -2.42
C CYS F 165 26.07 17.25 -2.43
N GLN F 166 26.69 17.41 -3.59
CA GLN F 166 28.08 17.01 -3.76
C GLN F 166 28.93 18.25 -4.01
N THR F 167 30.12 18.28 -3.40
CA THR F 167 31.00 19.42 -3.59
C THR F 167 31.98 19.15 -4.72
N ASP G 3 8.89 -32.32 9.59
CA ASP G 3 10.16 -31.95 8.89
C ASP G 3 10.29 -30.44 8.65
N PTR G 4 9.86 -29.96 7.49
CA PTR G 4 9.96 -28.53 7.19
C PTR G 4 8.60 -27.86 7.02
O PTR G 4 7.59 -28.51 6.74
CB PTR G 4 10.82 -28.32 5.93
CG PTR G 4 12.31 -28.38 6.18
CD1 PTR G 4 12.91 -29.51 6.76
CD2 PTR G 4 13.14 -27.32 5.84
CE1 PTR G 4 14.28 -29.57 6.99
CE2 PTR G 4 14.51 -27.37 6.05
CZ PTR G 4 15.08 -28.50 6.62
OH PTR G 4 16.49 -28.52 6.83
P PTR G 4 17.25 -29.35 8.02
O1P PTR G 4 18.69 -29.06 7.94
O2P PTR G 4 17.00 -30.81 7.85
O3P PTR G 4 16.77 -28.91 9.34
N ASP G 5 8.58 -26.55 7.23
CA ASP G 5 7.36 -25.74 7.10
C ASP G 5 7.45 -24.94 5.82
N TYR G 6 6.31 -24.61 5.21
CA TYR G 6 6.32 -23.85 3.96
C TYR G 6 5.72 -22.44 4.06
N VAL G 7 5.91 -21.65 3.00
CA VAL G 7 5.41 -20.28 2.94
C VAL G 7 3.89 -20.20 3.02
N ASP H 3 -14.24 23.04 -21.96
CA ASP H 3 -13.58 21.72 -21.75
C ASP H 3 -13.18 21.57 -20.28
N PTR H 4 -12.86 20.35 -19.87
CA PTR H 4 -12.46 20.07 -18.49
C PTR H 4 -11.11 19.36 -18.41
O PTR H 4 -10.47 19.09 -19.42
CB PTR H 4 -13.50 19.19 -17.80
CG PTR H 4 -14.84 19.83 -17.56
CD1 PTR H 4 -15.79 19.93 -18.58
CD2 PTR H 4 -15.18 20.32 -16.29
CE1 PTR H 4 -17.05 20.50 -18.34
CE2 PTR H 4 -16.42 20.89 -16.04
CZ PTR H 4 -17.36 20.97 -17.07
OH PTR H 4 -18.65 21.54 -16.78
P PTR H 4 -18.91 23.10 -16.44
O1P PTR H 4 -19.25 23.80 -17.71
O2P PTR H 4 -17.69 23.70 -15.86
O3P PTR H 4 -20.05 23.27 -15.51
N ASP H 5 -10.71 19.07 -17.18
CA ASP H 5 -9.46 18.38 -16.92
C ASP H 5 -9.83 16.91 -16.67
N TYR H 6 -8.87 16.10 -16.22
CA TYR H 6 -9.15 14.70 -15.95
C TYR H 6 -8.09 14.00 -15.11
N VAL H 7 -8.05 12.67 -15.22
CA VAL H 7 -7.11 11.85 -14.47
C VAL H 7 -5.69 12.02 -14.99
N HIS H 8 -5.05 13.12 -14.61
CA HIS H 8 -3.69 13.41 -15.02
C HIS H 8 -2.74 12.37 -14.43
N PTR I 4 -19.46 -24.02 7.58
CA PTR I 4 -19.00 -22.75 6.97
C PTR I 4 -18.16 -21.86 7.86
O PTR I 4 -18.38 -21.77 9.07
CB PTR I 4 -20.19 -21.93 6.46
CG PTR I 4 -20.91 -22.55 5.30
CD1 PTR I 4 -22.20 -23.06 5.46
CD2 PTR I 4 -20.35 -22.56 4.02
CE1 PTR I 4 -22.91 -23.57 4.39
CE2 PTR I 4 -21.04 -23.08 2.95
CZ PTR I 4 -22.33 -23.58 3.13
OH PTR I 4 -23.06 -24.10 2.01
P PTR I 4 -22.96 -25.66 1.55
O1P PTR I 4 -23.79 -26.46 2.50
O2P PTR I 4 -21.55 -26.10 1.65
O3P PTR I 4 -23.50 -25.85 0.19
N ASP I 5 -17.19 -21.19 7.25
CA ASP I 5 -16.29 -20.29 7.93
C ASP I 5 -16.72 -18.88 7.54
N TYR I 6 -16.02 -17.88 8.04
CA TYR I 6 -16.34 -16.48 7.75
C TYR I 6 -15.14 -15.61 7.40
N VAL I 7 -15.42 -14.35 7.10
CA VAL I 7 -14.38 -13.39 6.74
C VAL I 7 -13.73 -12.79 7.99
N HIS I 8 -12.50 -12.33 7.85
CA HIS I 8 -11.75 -11.72 8.94
C HIS I 8 -11.28 -10.33 8.53
N ASP J 3 -2.42 -13.15 33.06
CA ASP J 3 -1.69 -13.32 31.77
C ASP J 3 -2.42 -12.62 30.63
N PTR J 4 -1.67 -11.98 29.75
CA PTR J 4 -2.24 -11.28 28.59
C PTR J 4 -1.81 -11.91 27.29
O PTR J 4 -0.65 -12.24 27.10
CB PTR J 4 -1.83 -9.83 28.58
CG PTR J 4 -2.56 -9.02 29.59
CD1 PTR J 4 -2.24 -9.10 30.93
CD2 PTR J 4 -3.57 -8.16 29.20
CE1 PTR J 4 -2.90 -8.36 31.86
CE2 PTR J 4 -4.25 -7.41 30.13
CZ PTR J 4 -3.89 -7.52 31.46
OH PTR J 4 -4.51 -6.69 32.43
P PTR J 4 -6.09 -6.74 32.79
O1P PTR J 4 -6.70 -5.83 33.77
O2P PTR J 4 -6.81 -8.03 32.48
O3P PTR J 4 -5.62 -7.43 34.03
N ASP J 5 -2.77 -12.07 26.39
CA ASP J 5 -2.50 -12.64 25.08
C ASP J 5 -1.85 -11.51 24.27
N TYR J 6 -0.75 -10.98 24.78
CA TYR J 6 -0.07 -9.88 24.13
C TYR J 6 0.29 -10.09 22.66
N VAL J 7 0.35 -8.98 21.93
CA VAL J 7 0.67 -8.95 20.50
C VAL J 7 2.00 -9.62 20.21
N HIS J 8 2.12 -10.15 19.00
CA HIS J 8 3.35 -10.81 18.58
C HIS J 8 3.68 -10.35 17.17
N PTR K 4 15.05 13.61 -24.48
CA PTR K 4 14.57 12.46 -23.66
C PTR K 4 14.03 12.86 -22.30
O PTR K 4 14.07 14.02 -21.91
CB PTR K 4 15.69 11.44 -23.46
CG PTR K 4 15.78 10.43 -24.59
CD1 PTR K 4 17.00 9.89 -24.97
CD2 PTR K 4 14.64 10.02 -25.27
CE1 PTR K 4 17.09 8.97 -26.00
CE2 PTR K 4 14.72 9.10 -26.31
CZ PTR K 4 15.94 8.58 -26.67
OH PTR K 4 16.03 7.64 -27.74
P PTR K 4 15.63 7.97 -29.29
O1P PTR K 4 16.73 8.76 -29.90
O2P PTR K 4 14.39 8.76 -29.32
O3P PTR K 4 15.48 6.72 -30.06
N ASP K 5 13.52 11.86 -21.58
CA ASP K 5 12.94 12.06 -20.25
C ASP K 5 13.32 10.88 -19.38
N TYR K 6 13.82 11.13 -18.19
CA TYR K 6 14.19 10.02 -17.31
C TYR K 6 13.12 9.75 -16.27
N VAL K 7 13.13 8.54 -15.71
CA VAL K 7 12.16 8.12 -14.70
C VAL K 7 11.84 9.25 -13.74
N HIS K 8 10.74 9.96 -14.03
CA HIS K 8 10.27 11.09 -13.24
C HIS K 8 9.57 10.64 -11.96
N ASP L 3 11.31 33.62 -1.11
CA ASP L 3 10.05 32.82 -1.16
C ASP L 3 10.37 31.33 -1.18
N PTR L 4 9.48 30.54 -0.59
CA PTR L 4 9.68 29.11 -0.51
C PTR L 4 8.57 28.34 -1.25
O PTR L 4 7.68 28.94 -1.82
CB PTR L 4 9.70 28.68 0.96
CG PTR L 4 10.81 29.32 1.78
CD1 PTR L 4 10.89 30.71 1.93
CD2 PTR L 4 11.78 28.52 2.41
CE1 PTR L 4 11.90 31.28 2.70
CE2 PTR L 4 12.79 29.10 3.19
CZ PTR L 4 12.85 30.48 3.32
OH PTR L 4 13.88 31.10 4.11
P PTR L 4 15.48 30.91 3.81
O1P PTR L 4 15.62 30.65 2.36
O2P PTR L 4 16.03 29.78 4.61
O3P PTR L 4 16.21 32.15 4.12
N ASP L 5 8.67 27.02 -1.25
CA ASP L 5 7.69 26.18 -1.91
C ASP L 5 6.97 25.42 -0.82
N TYR L 6 6.08 24.51 -1.19
CA TYR L 6 5.36 23.73 -0.19
C TYR L 6 4.84 22.36 -0.62
N VAL L 7 4.42 21.58 0.37
CA VAL L 7 3.90 20.24 0.15
C VAL L 7 2.52 20.26 -0.50
N HIS L 8 2.24 19.24 -1.31
CA HIS L 8 0.97 19.13 -2.00
C HIS L 8 -0.09 18.59 -1.03
NA NA M . 27.76 -15.32 13.24
NA NA N . -23.95 24.74 1.07
NA NA O . -15.54 -26.15 -15.05
NA NA P . -19.53 3.69 27.63
NA NA Q . 2.88 -4.35 -33.96
NA NA R . 28.13 18.16 6.63
#